data_6DBG
#
_entry.id   6DBG
#
_cell.length_a   49.890
_cell.length_b   66.950
_cell.length_c   73.830
_cell.angle_alpha   116.670
_cell.angle_beta   97.730
_cell.angle_gamma   95.080
#
_symmetry.space_group_name_H-M   'P 1'
#
loop_
_entity.id
_entity.type
_entity.pdbx_description
1 polymer 'Internalin B'
2 polymer 'VHH R303'
3 water water
#
loop_
_entity_poly.entity_id
_entity_poly.type
_entity_poly.pdbx_seq_one_letter_code
_entity_poly.pdbx_strand_id
1 'polypeptide(L)'
;GAMETITVPTPIKQIFSDDAFAETIKDNLKKKSVTDAVTQNELNSIDQIIANNSDIKSVQGIQYLPNVTKLFLNGNKLTD
IKPLANLKNLGWLFLDENKVKDLSSLKDLKKLKSLSLEHNGISDINGLVHLPQLESLYLGNNKITDITVLSRLTKLDTLS
LEDNQISDIVPLAGLTKLQNLYLSKNHISDLRALAGLKNLDVLELFSQECLNKPINHQSNLVVPNTVKNTDGSLVTPEII
SDDGDYEKPNVKWHLPEFTNEVSFIFYQPVTIGKAKARFHGRVTQPLKENLYFQGHHHHHH
;
A,B
2 'polypeptide(L)'
;QVKLEESGGGSVQAGGSLRLSCAASGHTYSTYCMGWFRQVPGKEREGVARINVGGSSTWYADSVRDRFTISQDNAKNTVY
LQMNSLKLEDTAIYYCTLHRFCNTWSLGTLNVWGQGTQVTVSSGSEQKLISEEDLNHHHHHH
;
C,D
#
# COMPACT_ATOMS: atom_id res chain seq x y z
N GLU A 4 14.71 -39.42 -3.91
CA GLU A 4 14.56 -40.64 -4.68
C GLU A 4 15.94 -41.15 -5.10
N THR A 5 16.13 -42.47 -5.04
CA THR A 5 17.41 -43.10 -5.33
C THR A 5 17.19 -44.42 -6.03
N ILE A 6 18.15 -44.81 -6.85
CA ILE A 6 18.20 -46.17 -7.38
C ILE A 6 19.04 -47.03 -6.42
N THR A 7 18.43 -48.09 -5.91
CA THR A 7 19.07 -48.91 -4.88
C THR A 7 20.29 -49.65 -5.43
N VAL A 8 20.25 -50.04 -6.69
CA VAL A 8 21.33 -50.77 -7.34
C VAL A 8 21.61 -50.15 -8.70
N PRO A 9 22.83 -50.31 -9.19
CA PRO A 9 23.13 -49.78 -10.52
C PRO A 9 22.17 -50.36 -11.54
N THR A 10 21.72 -49.51 -12.45
CA THR A 10 20.63 -49.77 -13.37
C THR A 10 20.98 -49.14 -14.71
N PRO A 11 20.63 -49.76 -15.85
CA PRO A 11 20.91 -49.13 -17.14
C PRO A 11 20.29 -47.76 -17.25
N ILE A 12 21.03 -46.87 -17.90
CA ILE A 12 20.56 -45.48 -18.07
C ILE A 12 19.16 -45.45 -18.69
N LYS A 13 18.97 -46.27 -19.72
CA LYS A 13 17.72 -46.20 -20.49
C LYS A 13 16.53 -46.69 -19.71
N GLN A 14 16.75 -47.42 -18.61
CA GLN A 14 15.64 -47.81 -17.75
C GLN A 14 15.23 -46.69 -16.80
N ILE A 15 16.17 -45.81 -16.46
CA ILE A 15 15.89 -44.69 -15.55
C ILE A 15 15.32 -43.51 -16.32
N PHE A 16 15.89 -43.20 -17.47
CA PHE A 16 15.53 -42.03 -18.25
C PHE A 16 14.76 -42.49 -19.47
N SER A 17 13.43 -42.39 -19.38
CA SER A 17 12.55 -42.99 -20.36
C SER A 17 12.62 -42.28 -21.72
N ASP A 18 12.97 -41.02 -21.75
CA ASP A 18 13.06 -40.28 -23.01
C ASP A 18 14.39 -40.61 -23.69
N ASP A 19 14.33 -41.05 -24.95
CA ASP A 19 15.56 -41.48 -25.61
C ASP A 19 16.56 -40.34 -25.69
N ALA A 20 16.09 -39.12 -25.95
CA ALA A 20 17.03 -38.02 -26.08
C ALA A 20 17.66 -37.69 -24.72
N PHE A 21 16.84 -37.69 -23.65
CA PHE A 21 17.39 -37.39 -22.34
C PHE A 21 18.31 -38.49 -21.85
N ALA A 22 18.03 -39.74 -22.20
CA ALA A 22 18.98 -40.80 -21.85
C ALA A 22 20.35 -40.56 -22.49
N GLU A 23 20.37 -40.13 -23.76
CA GLU A 23 21.64 -39.83 -24.44
C GLU A 23 22.33 -38.65 -23.76
N THR A 24 21.56 -37.64 -23.34
CA THR A 24 22.13 -36.52 -22.60
C THR A 24 22.83 -37.00 -21.34
N ILE A 25 22.18 -37.88 -20.59
CA ILE A 25 22.76 -38.39 -19.35
C ILE A 25 24.01 -39.20 -19.66
N LYS A 26 23.93 -40.07 -20.66
CA LYS A 26 25.09 -40.84 -21.11
C LYS A 26 26.29 -39.94 -21.42
N ASP A 27 26.07 -38.87 -22.19
CA ASP A 27 27.16 -38.00 -22.58
C ASP A 27 27.68 -37.22 -21.39
N ASN A 28 26.78 -36.75 -20.52
CA ASN A 28 27.19 -36.03 -19.33
C ASN A 28 28.15 -36.86 -18.50
N LEU A 29 27.86 -38.17 -18.35
CA LEU A 29 28.64 -39.08 -17.54
C LEU A 29 29.83 -39.71 -18.29
N LYS A 30 29.98 -39.41 -19.57
CA LYS A 30 31.00 -40.00 -20.42
C LYS A 30 30.88 -41.51 -20.46
N LYS A 31 29.64 -42.00 -20.44
CA LYS A 31 29.36 -43.40 -20.67
C LYS A 31 29.32 -43.75 -22.16
N LYS A 32 29.54 -45.01 -22.47
CA LYS A 32 29.65 -45.41 -23.88
C LYS A 32 28.31 -45.73 -24.53
N SER A 33 27.30 -46.13 -23.76
CA SER A 33 25.98 -46.43 -24.30
C SER A 33 24.92 -46.16 -23.25
N VAL A 34 23.68 -45.95 -23.73
CA VAL A 34 22.56 -45.86 -22.82
C VAL A 34 22.18 -47.17 -22.20
N THR A 35 22.78 -48.28 -22.62
CA THR A 35 22.55 -49.54 -21.93
C THR A 35 23.54 -49.74 -20.78
N ASP A 36 24.55 -48.88 -20.69
CA ASP A 36 25.48 -48.99 -19.57
C ASP A 36 24.74 -48.78 -18.27
N ALA A 37 25.20 -49.45 -17.21
CA ALA A 37 24.69 -49.18 -15.88
C ALA A 37 25.21 -47.86 -15.34
N VAL A 38 24.36 -47.18 -14.57
CA VAL A 38 24.76 -46.02 -13.78
C VAL A 38 24.46 -46.30 -12.32
N THR A 39 25.29 -45.75 -11.46
CA THR A 39 25.13 -45.85 -10.01
C THR A 39 24.52 -44.56 -9.46
N GLN A 40 23.95 -44.67 -8.27
CA GLN A 40 23.42 -43.46 -7.62
C GLN A 40 24.53 -42.45 -7.35
N ASN A 41 25.72 -42.92 -7.01
CA ASN A 41 26.79 -41.97 -6.75
C ASN A 41 27.16 -41.21 -8.02
N GLU A 42 27.13 -41.88 -9.16
CA GLU A 42 27.36 -41.17 -10.41
C GLU A 42 26.29 -40.13 -10.67
N LEU A 43 25.04 -40.48 -10.40
CA LEU A 43 23.97 -39.50 -10.58
C LEU A 43 24.09 -38.36 -9.59
N ASN A 44 24.50 -38.65 -8.34
CA ASN A 44 24.74 -37.61 -7.35
C ASN A 44 25.80 -36.61 -7.79
N SER A 45 26.70 -37.02 -8.68
CA SER A 45 27.83 -36.21 -9.13
CA SER A 45 27.81 -36.16 -9.07
C SER A 45 27.48 -35.27 -10.27
N ILE A 46 26.27 -35.38 -10.81
CA ILE A 46 25.84 -34.48 -11.88
C ILE A 46 25.42 -33.15 -11.28
N ASP A 47 26.16 -32.10 -11.57
CA ASP A 47 25.82 -30.79 -11.07
C ASP A 47 25.31 -29.83 -12.14
N GLN A 48 25.48 -30.15 -13.41
CA GLN A 48 25.02 -29.30 -14.51
C GLN A 48 24.66 -30.16 -15.70
N ILE A 49 23.52 -29.84 -16.33
CA ILE A 49 23.11 -30.51 -17.56
C ILE A 49 22.92 -29.44 -18.62
N ILE A 50 23.60 -29.61 -19.75
CA ILE A 50 23.42 -28.74 -20.91
C ILE A 50 22.76 -29.57 -21.98
N ALA A 51 21.49 -29.29 -22.25
CA ALA A 51 20.74 -30.07 -23.22
C ALA A 51 19.72 -29.17 -23.92
N ASN A 52 20.20 -28.06 -24.46
CA ASN A 52 19.35 -27.22 -25.28
C ASN A 52 19.16 -27.87 -26.64
N ASN A 53 17.99 -27.65 -27.23
CA ASN A 53 17.73 -28.01 -28.62
C ASN A 53 18.04 -29.49 -28.90
N SER A 54 17.54 -30.35 -28.02
CA SER A 54 17.89 -31.76 -28.01
C SER A 54 16.68 -32.67 -28.19
N ASP A 55 15.52 -32.11 -28.54
CA ASP A 55 14.33 -32.91 -28.85
C ASP A 55 13.84 -33.72 -27.64
N ILE A 56 14.05 -33.21 -26.43
CA ILE A 56 13.63 -33.91 -25.22
C ILE A 56 12.16 -33.66 -24.95
N LYS A 57 11.40 -34.74 -24.81
CA LYS A 57 9.98 -34.66 -24.56
C LYS A 57 9.66 -34.84 -23.09
N SER A 58 10.58 -35.44 -22.34
CA SER A 58 10.38 -35.66 -20.90
C SER A 58 11.71 -35.76 -20.21
N VAL A 59 11.78 -35.20 -18.98
CA VAL A 59 12.96 -35.37 -18.13
C VAL A 59 12.66 -36.34 -17.00
N GLN A 60 11.75 -37.29 -17.23
CA GLN A 60 11.55 -38.37 -16.26
C GLN A 60 12.86 -39.07 -15.98
N GLY A 61 13.12 -39.30 -14.69
CA GLY A 61 14.38 -39.79 -14.19
C GLY A 61 15.29 -38.75 -13.60
N ILE A 62 15.11 -37.47 -13.97
CA ILE A 62 15.96 -36.43 -13.42
C ILE A 62 15.75 -36.31 -11.90
N GLN A 63 14.68 -36.89 -11.35
CA GLN A 63 14.41 -36.81 -9.91
C GLN A 63 15.52 -37.48 -9.10
N TYR A 64 16.29 -38.35 -9.75
CA TYR A 64 17.39 -39.06 -9.09
C TYR A 64 18.70 -38.28 -9.12
N LEU A 65 18.67 -37.00 -9.51
CA LEU A 65 19.87 -36.18 -9.58
C LEU A 65 19.77 -35.06 -8.54
N PRO A 66 20.00 -35.39 -7.26
CA PRO A 66 19.70 -34.42 -6.19
C PRO A 66 20.56 -33.17 -6.21
N ASN A 67 21.72 -33.21 -6.82
CA ASN A 67 22.70 -32.14 -6.70
C ASN A 67 22.83 -31.26 -7.94
N VAL A 68 21.92 -31.38 -8.90
CA VAL A 68 22.02 -30.54 -10.08
CA VAL A 68 22.01 -30.53 -10.09
C VAL A 68 21.73 -29.10 -9.68
N THR A 69 22.61 -28.19 -10.07
CA THR A 69 22.42 -26.77 -9.78
C THR A 69 22.09 -25.94 -11.00
N LYS A 70 22.50 -26.35 -12.19
CA LYS A 70 22.25 -25.60 -13.42
C LYS A 70 21.68 -26.55 -14.46
N LEU A 71 20.52 -26.19 -15.01
CA LEU A 71 19.82 -27.00 -15.98
C LEU A 71 19.48 -26.15 -17.18
N PHE A 72 20.05 -26.47 -18.34
CA PHE A 72 19.82 -25.78 -19.60
C PHE A 72 18.99 -26.71 -20.49
N LEU A 73 17.69 -26.38 -20.62
CA LEU A 73 16.72 -27.19 -21.35
C LEU A 73 15.94 -26.31 -22.34
N ASN A 74 16.55 -25.24 -22.83
CA ASN A 74 15.91 -24.43 -23.87
C ASN A 74 15.67 -25.24 -25.13
N GLY A 75 14.52 -25.01 -25.78
CA GLY A 75 14.34 -25.48 -27.15
C GLY A 75 14.07 -26.96 -27.23
N ASN A 76 13.28 -27.50 -26.31
CA ASN A 76 12.94 -28.89 -26.35
C ASN A 76 11.44 -29.05 -26.55
N LYS A 77 10.90 -30.20 -26.18
CA LYS A 77 9.49 -30.47 -26.35
C LYS A 77 8.86 -30.80 -25.01
N LEU A 78 9.31 -30.10 -23.97
CA LEU A 78 8.82 -30.36 -22.63
C LEU A 78 7.45 -29.77 -22.45
N THR A 79 6.61 -30.51 -21.75
CA THR A 79 5.27 -30.05 -21.44
C THR A 79 4.94 -30.20 -19.97
N ASP A 80 5.84 -30.75 -19.18
CA ASP A 80 5.60 -31.05 -17.79
C ASP A 80 6.96 -31.03 -17.15
N ILE A 81 7.07 -30.36 -16.02
CA ILE A 81 8.31 -30.29 -15.26
C ILE A 81 8.15 -30.86 -13.86
N LYS A 82 7.10 -31.66 -13.65
CA LYS A 82 6.95 -32.35 -12.37
C LYS A 82 8.21 -33.04 -11.89
N PRO A 83 9.04 -33.67 -12.73
CA PRO A 83 10.24 -34.33 -12.20
C PRO A 83 11.24 -33.37 -11.62
N LEU A 84 11.07 -32.08 -11.82
CA LEU A 84 12.03 -31.12 -11.26
C LEU A 84 11.70 -30.73 -9.84
N ALA A 85 10.56 -31.15 -9.31
CA ALA A 85 9.96 -30.54 -8.12
C ALA A 85 10.82 -30.66 -6.85
N ASN A 86 11.67 -31.68 -6.76
CA ASN A 86 12.42 -31.93 -5.55
C ASN A 86 13.92 -31.77 -5.78
N LEU A 87 14.30 -31.04 -6.84
CA LEU A 87 15.70 -30.73 -7.12
C LEU A 87 16.09 -29.53 -6.27
N LYS A 88 16.35 -29.83 -5.00
CA LYS A 88 16.38 -28.79 -3.97
C LYS A 88 17.56 -27.86 -4.16
N ASN A 89 18.58 -28.28 -4.89
CA ASN A 89 19.78 -27.49 -5.10
C ASN A 89 19.77 -26.71 -6.41
N LEU A 90 18.68 -26.75 -7.14
CA LEU A 90 18.66 -26.10 -8.44
C LEU A 90 18.73 -24.60 -8.28
N GLY A 91 19.70 -23.95 -8.93
CA GLY A 91 19.86 -22.50 -8.83
C GLY A 91 19.52 -21.77 -10.11
N TRP A 92 19.76 -22.39 -11.27
CA TRP A 92 19.57 -21.76 -12.57
C TRP A 92 18.82 -22.73 -13.47
N LEU A 93 17.68 -22.29 -13.98
CA LEU A 93 16.80 -23.14 -14.79
C LEU A 93 16.40 -22.41 -16.07
N PHE A 94 16.73 -22.99 -17.23
CA PHE A 94 16.45 -22.40 -18.52
C PHE A 94 15.54 -23.36 -19.26
N LEU A 95 14.33 -22.87 -19.57
CA LEU A 95 13.28 -23.67 -20.20
C LEU A 95 12.62 -22.91 -21.34
N ASP A 96 13.33 -21.99 -21.99
CA ASP A 96 12.75 -21.27 -23.11
C ASP A 96 12.29 -22.23 -24.20
N GLU A 97 11.31 -21.82 -24.99
CA GLU A 97 10.89 -22.54 -26.18
C GLU A 97 10.55 -23.99 -25.85
N ASN A 98 9.73 -24.17 -24.82
CA ASN A 98 9.03 -25.41 -24.57
C ASN A 98 7.54 -25.10 -24.50
N LYS A 99 6.75 -25.98 -23.91
CA LYS A 99 5.33 -25.69 -23.64
C LYS A 99 5.01 -26.00 -22.18
N VAL A 100 5.80 -25.44 -21.26
CA VAL A 100 5.69 -25.69 -19.82
C VAL A 100 4.77 -24.66 -19.20
N LYS A 101 3.67 -25.13 -18.58
CA LYS A 101 2.73 -24.27 -17.88
C LYS A 101 2.56 -24.61 -16.39
N ASP A 102 3.08 -25.76 -15.94
CA ASP A 102 2.94 -26.18 -14.54
C ASP A 102 3.98 -25.51 -13.65
N LEU A 103 3.85 -24.18 -13.53
CA LEU A 103 4.85 -23.42 -12.78
C LEU A 103 4.83 -23.75 -11.30
N SER A 104 3.68 -24.18 -10.78
CA SER A 104 3.58 -24.60 -9.38
CA SER A 104 3.58 -24.60 -9.38
C SER A 104 4.48 -25.79 -9.07
N SER A 105 4.91 -26.56 -10.08
CA SER A 105 5.85 -27.64 -9.83
C SER A 105 7.17 -27.13 -9.25
N LEU A 106 7.46 -25.84 -9.40
CA LEU A 106 8.71 -25.27 -8.90
C LEU A 106 8.63 -24.79 -7.45
N LYS A 107 7.49 -24.94 -6.79
CA LYS A 107 7.26 -24.17 -5.58
C LYS A 107 8.25 -24.46 -4.46
N ASP A 108 8.92 -25.61 -4.46
CA ASP A 108 9.78 -25.99 -3.35
C ASP A 108 11.26 -25.81 -3.68
N LEU A 109 11.55 -25.24 -4.85
CA LEU A 109 12.90 -24.93 -5.34
C LEU A 109 13.40 -23.61 -4.73
N LYS A 110 13.73 -23.70 -3.44
CA LYS A 110 14.00 -22.52 -2.65
C LYS A 110 15.41 -21.98 -2.84
N LYS A 111 16.27 -22.68 -3.58
CA LYS A 111 17.56 -22.14 -3.95
C LYS A 111 17.55 -21.55 -5.36
N LEU A 112 16.40 -21.60 -6.06
CA LEU A 112 16.35 -21.13 -7.43
C LEU A 112 16.50 -19.62 -7.45
N LYS A 113 17.48 -19.14 -8.22
CA LYS A 113 17.80 -17.73 -8.35
C LYS A 113 17.42 -17.19 -9.72
N SER A 114 17.44 -18.02 -10.75
CA SER A 114 17.21 -17.57 -12.12
C SER A 114 16.30 -18.57 -12.81
N LEU A 115 15.25 -18.05 -13.43
CA LEU A 115 14.24 -18.86 -14.08
C LEU A 115 13.91 -18.24 -15.42
N SER A 116 14.03 -19.01 -16.49
CA SER A 116 13.74 -18.55 -17.84
C SER A 116 12.70 -19.45 -18.47
N LEU A 117 11.59 -18.81 -18.89
CA LEU A 117 10.41 -19.50 -19.40
C LEU A 117 9.88 -18.75 -20.62
N GLU A 118 10.75 -18.19 -21.43
CA GLU A 118 10.28 -17.43 -22.59
C GLU A 118 9.70 -18.37 -23.65
N HIS A 119 8.67 -17.90 -24.35
CA HIS A 119 8.02 -18.62 -25.42
C HIS A 119 7.58 -20.02 -24.99
N ASN A 120 6.73 -20.04 -23.97
CA ASN A 120 6.12 -21.26 -23.49
C ASN A 120 4.59 -21.23 -23.53
N GLY A 121 3.97 -20.17 -24.06
CA GLY A 121 2.54 -20.12 -24.08
C GLY A 121 1.91 -19.92 -22.73
N ILE A 122 2.66 -19.34 -21.79
CA ILE A 122 2.22 -19.16 -20.41
C ILE A 122 1.24 -18.01 -20.28
N SER A 123 0.14 -18.25 -19.58
CA SER A 123 -0.70 -17.15 -19.11
C SER A 123 -0.69 -17.04 -17.59
N ASP A 124 -0.79 -18.13 -16.88
CA ASP A 124 -0.96 -18.10 -15.43
C ASP A 124 0.40 -18.25 -14.76
N ILE A 125 0.83 -17.18 -14.08
CA ILE A 125 2.10 -17.21 -13.38
C ILE A 125 1.90 -17.23 -11.88
N ASN A 126 0.66 -17.51 -11.41
CA ASN A 126 0.39 -17.42 -9.98
C ASN A 126 1.28 -18.37 -9.19
N GLY A 127 1.75 -19.47 -9.78
CA GLY A 127 2.62 -20.37 -9.04
C GLY A 127 3.97 -19.80 -8.68
N LEU A 128 4.40 -18.71 -9.34
CA LEU A 128 5.69 -18.11 -9.02
C LEU A 128 5.66 -17.38 -7.69
N VAL A 129 4.49 -17.23 -7.09
CA VAL A 129 4.42 -16.60 -5.77
C VAL A 129 5.27 -17.35 -4.75
N HIS A 130 5.50 -18.65 -4.98
CA HIS A 130 6.22 -19.51 -4.05
C HIS A 130 7.74 -19.40 -4.17
N LEU A 131 8.23 -18.50 -5.02
CA LEU A 131 9.67 -18.32 -5.27
C LEU A 131 10.09 -16.89 -4.97
N PRO A 132 9.84 -16.41 -3.76
CA PRO A 132 10.18 -15.02 -3.46
C PRO A 132 11.67 -14.73 -3.42
N GLN A 133 12.54 -15.73 -3.49
CA GLN A 133 13.98 -15.51 -3.50
C GLN A 133 14.53 -15.28 -4.91
N LEU A 134 13.69 -15.41 -5.93
CA LEU A 134 14.16 -15.27 -7.31
C LEU A 134 14.86 -13.94 -7.53
N GLU A 135 16.00 -13.99 -8.21
CA GLU A 135 16.75 -12.81 -8.56
C GLU A 135 16.57 -12.43 -10.03
N SER A 136 16.34 -13.40 -10.90
CA SER A 136 16.20 -13.17 -12.33
C SER A 136 15.01 -13.98 -12.83
N LEU A 137 14.15 -13.33 -13.59
CA LEU A 137 12.95 -13.98 -14.12
C LEU A 137 12.73 -13.50 -15.55
N TYR A 138 12.65 -14.43 -16.50
CA TYR A 138 12.52 -14.12 -17.92
C TYR A 138 11.25 -14.77 -18.44
N LEU A 139 10.24 -13.96 -18.74
CA LEU A 139 8.94 -14.43 -19.19
C LEU A 139 8.57 -13.78 -20.50
N GLY A 140 9.54 -13.36 -21.28
CA GLY A 140 9.24 -12.77 -22.58
C GLY A 140 8.47 -13.72 -23.47
N ASN A 141 7.67 -13.14 -24.35
CA ASN A 141 7.02 -13.84 -25.43
C ASN A 141 6.10 -14.95 -24.92
N ASN A 142 5.15 -14.54 -24.08
CA ASN A 142 4.13 -15.43 -23.54
C ASN A 142 2.79 -14.72 -23.75
N LYS A 143 1.76 -15.08 -22.98
CA LYS A 143 0.43 -14.51 -23.15
C LYS A 143 -0.09 -14.10 -21.78
N ILE A 144 0.79 -13.51 -20.99
CA ILE A 144 0.48 -13.10 -19.62
C ILE A 144 -0.32 -11.80 -19.63
N THR A 145 -1.39 -11.75 -18.83
CA THR A 145 -2.07 -10.49 -18.53
C THR A 145 -1.95 -10.06 -17.07
N ASP A 146 -1.87 -11.00 -16.14
CA ASP A 146 -2.00 -10.72 -14.71
C ASP A 146 -0.69 -11.01 -14.01
N ILE A 147 0.04 -9.96 -13.63
CA ILE A 147 1.30 -10.11 -12.92
C ILE A 147 1.18 -9.76 -11.44
N THR A 148 -0.03 -9.84 -10.87
CA THR A 148 -0.25 -9.63 -9.44
C THR A 148 0.81 -10.24 -8.54
N VAL A 149 1.12 -11.52 -8.72
CA VAL A 149 1.98 -12.19 -7.76
C VAL A 149 3.40 -11.68 -7.78
N LEU A 150 3.82 -10.94 -8.83
CA LEU A 150 5.18 -10.44 -8.84
C LEU A 150 5.42 -9.41 -7.73
N SER A 151 4.36 -8.87 -7.11
CA SER A 151 4.58 -7.97 -5.97
C SER A 151 5.25 -8.66 -4.79
N ARG A 152 5.27 -9.99 -4.78
CA ARG A 152 5.98 -10.73 -3.75
C ARG A 152 7.45 -10.98 -4.06
N LEU A 153 7.89 -10.75 -5.29
CA LEU A 153 9.22 -11.18 -5.74
C LEU A 153 10.17 -10.00 -5.55
N THR A 154 10.41 -9.70 -4.28
CA THR A 154 11.12 -8.47 -3.89
C THR A 154 12.64 -8.63 -3.93
N LYS A 155 13.15 -9.79 -4.36
CA LYS A 155 14.58 -9.96 -4.58
C LYS A 155 14.95 -9.90 -6.06
N LEU A 156 13.97 -9.73 -6.96
CA LEU A 156 14.31 -9.65 -8.38
C LEU A 156 15.15 -8.42 -8.62
N ASP A 157 16.25 -8.60 -9.35
CA ASP A 157 16.94 -7.48 -9.91
C ASP A 157 16.81 -7.42 -11.42
N THR A 158 16.40 -8.51 -12.06
CA THR A 158 16.26 -8.56 -13.51
C THR A 158 14.95 -9.24 -13.84
N LEU A 159 14.13 -8.60 -14.65
CA LEU A 159 12.79 -9.09 -14.96
C LEU A 159 12.45 -8.75 -16.39
N SER A 160 12.17 -9.75 -17.23
CA SER A 160 11.62 -9.51 -18.56
C SER A 160 10.19 -10.02 -18.64
N LEU A 161 9.29 -9.12 -18.99
CA LEU A 161 7.91 -9.43 -19.35
C LEU A 161 7.60 -8.95 -20.76
N GLU A 162 8.61 -8.74 -21.61
CA GLU A 162 8.34 -8.21 -22.93
C GLU A 162 7.47 -9.15 -23.75
N ASP A 163 6.70 -8.59 -24.68
CA ASP A 163 5.89 -9.40 -25.60
C ASP A 163 4.93 -10.29 -24.83
N ASN A 164 4.08 -9.61 -24.05
CA ASN A 164 2.96 -10.24 -23.37
C ASN A 164 1.74 -9.36 -23.61
N GLN A 165 0.69 -9.49 -22.77
CA GLN A 165 -0.57 -8.79 -22.96
C GLN A 165 -0.90 -7.97 -21.71
N ILE A 166 0.13 -7.35 -21.11
CA ILE A 166 0.02 -6.69 -19.81
C ILE A 166 -0.31 -5.21 -19.98
N SER A 167 -1.39 -4.80 -19.36
CA SER A 167 -1.64 -3.38 -19.19
C SER A 167 -1.41 -2.92 -17.77
N ASP A 168 -1.66 -3.77 -16.79
CA ASP A 168 -1.62 -3.37 -15.38
C ASP A 168 -0.27 -3.75 -14.79
N ILE A 169 0.61 -2.76 -14.61
CA ILE A 169 1.95 -2.97 -14.08
C ILE A 169 2.06 -2.49 -12.65
N VAL A 170 0.95 -2.14 -12.01
CA VAL A 170 0.96 -1.80 -10.58
C VAL A 170 1.69 -2.85 -9.74
N PRO A 171 1.61 -4.17 -10.02
CA PRO A 171 2.31 -5.11 -9.15
C PRO A 171 3.81 -4.91 -9.10
N LEU A 172 4.38 -4.17 -10.05
CA LEU A 172 5.82 -3.85 -10.01
C LEU A 172 6.19 -2.69 -9.11
N ALA A 173 5.21 -1.97 -8.57
CA ALA A 173 5.50 -0.65 -8.03
C ALA A 173 6.46 -0.71 -6.86
N GLY A 174 6.33 -1.75 -6.03
CA GLY A 174 7.17 -1.87 -4.85
C GLY A 174 8.47 -2.60 -5.03
N LEU A 175 8.79 -3.02 -6.25
CA LEU A 175 9.95 -3.87 -6.50
C LEU A 175 11.22 -3.05 -6.72
N THR A 176 11.59 -2.33 -5.67
CA THR A 176 12.67 -1.33 -5.77
C THR A 176 14.04 -1.97 -6.00
N LYS A 177 14.19 -3.28 -5.81
CA LYS A 177 15.49 -3.89 -6.13
C LYS A 177 15.68 -4.02 -7.64
N LEU A 178 14.63 -3.80 -8.44
CA LEU A 178 14.78 -3.97 -9.86
C LEU A 178 15.85 -3.06 -10.44
N GLN A 179 16.72 -3.65 -11.25
CA GLN A 179 17.77 -2.96 -11.98
C GLN A 179 17.54 -2.99 -13.48
N ASN A 180 17.05 -4.12 -13.99
CA ASN A 180 16.87 -4.33 -15.42
C ASN A 180 15.45 -4.81 -15.63
N LEU A 181 14.69 -4.04 -16.38
CA LEU A 181 13.26 -4.27 -16.50
C LEU A 181 12.86 -4.12 -17.96
N TYR A 182 12.32 -5.20 -18.53
CA TYR A 182 12.10 -5.29 -19.97
C TYR A 182 10.59 -5.45 -20.18
N LEU A 183 9.93 -4.39 -20.68
CA LEU A 183 8.47 -4.33 -20.74
C LEU A 183 7.97 -3.98 -22.15
N SER A 184 8.82 -4.05 -23.16
CA SER A 184 8.38 -3.74 -24.51
C SER A 184 7.26 -4.66 -24.95
N LYS A 185 6.45 -4.19 -25.90
CA LYS A 185 5.47 -5.04 -26.60
C LYS A 185 4.46 -5.62 -25.62
N ASN A 186 3.91 -4.73 -24.82
CA ASN A 186 2.77 -5.02 -23.96
C ASN A 186 1.65 -4.03 -24.26
N HIS A 187 0.76 -3.79 -23.30
CA HIS A 187 -0.40 -2.90 -23.48
C HIS A 187 -0.33 -1.76 -22.48
N ILE A 188 0.89 -1.27 -22.19
CA ILE A 188 1.08 -0.32 -21.10
C ILE A 188 0.79 1.10 -21.58
N SER A 189 -0.13 1.76 -20.88
CA SER A 189 -0.41 3.17 -21.12
C SER A 189 -0.05 4.10 -19.96
N ASP A 190 0.34 3.59 -18.80
CA ASP A 190 0.46 4.39 -17.58
C ASP A 190 1.76 4.01 -16.87
N LEU A 191 2.75 4.89 -16.86
CA LEU A 191 4.04 4.54 -16.29
C LEU A 191 4.12 4.76 -14.80
N ARG A 192 3.04 5.23 -14.15
CA ARG A 192 3.19 5.61 -12.76
C ARG A 192 3.68 4.48 -11.86
N ALA A 193 3.36 3.22 -12.16
CA ALA A 193 3.87 2.14 -11.33
C ALA A 193 5.40 2.07 -11.29
N LEU A 194 6.08 2.66 -12.27
CA LEU A 194 7.53 2.59 -12.34
C LEU A 194 8.20 3.71 -11.59
N ALA A 195 7.43 4.67 -11.09
CA ALA A 195 8.01 5.92 -10.62
C ALA A 195 9.02 5.73 -9.50
N GLY A 196 8.84 4.72 -8.65
CA GLY A 196 9.66 4.54 -7.48
C GLY A 196 10.79 3.55 -7.67
N LEU A 197 11.06 3.11 -8.91
CA LEU A 197 12.08 2.10 -9.18
C LEU A 197 13.43 2.81 -9.39
N LYS A 198 13.98 3.31 -8.28
CA LYS A 198 15.11 4.24 -8.31
C LYS A 198 16.42 3.54 -8.61
N ASN A 199 16.43 2.22 -8.60
CA ASN A 199 17.66 1.48 -8.88
C ASN A 199 17.72 0.99 -10.30
N LEU A 200 16.75 1.36 -11.13
CA LEU A 200 16.78 0.93 -12.52
C LEU A 200 18.02 1.46 -13.23
N ASP A 201 18.62 0.56 -14.03
CA ASP A 201 19.69 0.90 -14.94
C ASP A 201 19.32 0.64 -16.39
N VAL A 202 18.49 -0.37 -16.64
CA VAL A 202 17.97 -0.73 -17.95
C VAL A 202 16.46 -0.81 -17.85
N LEU A 203 15.78 -0.10 -18.75
CA LEU A 203 14.33 -0.09 -18.82
C LEU A 203 13.93 -0.03 -20.27
N GLU A 204 13.09 -0.95 -20.72
CA GLU A 204 12.64 -0.99 -22.12
C GLU A 204 11.13 -0.96 -22.17
N LEU A 205 10.61 0.03 -22.92
CA LEU A 205 9.18 0.35 -22.95
C LEU A 205 8.67 0.53 -24.39
N PHE A 206 9.37 -0.07 -25.36
CA PHE A 206 9.04 0.07 -26.79
C PHE A 206 7.74 -0.61 -27.19
N SER A 207 7.13 -0.06 -28.25
CA SER A 207 6.12 -0.75 -29.03
C SER A 207 4.90 -1.26 -28.24
N GLN A 208 4.31 -0.42 -27.40
CA GLN A 208 3.07 -0.78 -26.72
C GLN A 208 1.90 -0.73 -27.70
N GLU A 209 0.87 -1.56 -27.43
CA GLU A 209 -0.43 -1.47 -28.10
C GLU A 209 -1.46 -1.26 -26.99
N CYS A 210 -2.03 -0.06 -26.93
CA CYS A 210 -2.97 0.32 -25.89
C CYS A 210 -4.34 0.31 -26.51
N LEU A 211 -5.23 -0.52 -25.97
CA LEU A 211 -6.51 -0.80 -26.58
C LEU A 211 -7.61 -0.18 -25.73
N ASN A 212 -8.28 0.81 -26.28
CA ASN A 212 -9.36 1.46 -25.57
C ASN A 212 -10.63 0.63 -25.66
N LYS A 213 -11.45 0.75 -24.63
CA LYS A 213 -12.79 0.19 -24.69
C LYS A 213 -13.57 0.84 -25.82
N PRO A 214 -14.37 0.07 -26.56
CA PRO A 214 -15.13 0.67 -27.66
C PRO A 214 -16.09 1.74 -27.20
N ILE A 215 -16.24 2.75 -28.07
CA ILE A 215 -17.23 3.79 -27.89
C ILE A 215 -18.02 3.93 -29.18
N ASN A 216 -19.10 4.69 -29.12
CA ASN A 216 -19.93 4.89 -30.30
C ASN A 216 -19.21 5.76 -31.31
N HIS A 217 -19.32 5.39 -32.59
CA HIS A 217 -18.93 6.30 -33.66
C HIS A 217 -19.83 7.53 -33.62
N GLN A 218 -19.20 8.69 -33.81
CA GLN A 218 -19.85 9.99 -33.99
C GLN A 218 -19.09 10.76 -35.05
N SER A 219 -19.78 11.70 -35.71
CA SER A 219 -19.11 12.53 -36.72
C SER A 219 -18.04 13.42 -36.10
N ASN A 220 -18.26 13.88 -34.88
CA ASN A 220 -17.28 14.68 -34.14
C ASN A 220 -16.88 13.89 -32.89
N LEU A 221 -15.79 13.15 -33.00
CA LEU A 221 -15.36 12.26 -31.95
C LEU A 221 -14.36 12.96 -31.03
N VAL A 222 -14.51 12.73 -29.72
CA VAL A 222 -13.65 13.30 -28.70
C VAL A 222 -13.25 12.16 -27.79
N VAL A 223 -11.95 11.88 -27.72
CA VAL A 223 -11.43 10.75 -26.96
C VAL A 223 -10.42 11.27 -25.96
N PRO A 224 -10.62 11.09 -24.67
CA PRO A 224 -9.59 11.51 -23.71
C PRO A 224 -8.30 10.74 -23.92
N ASN A 225 -7.20 11.47 -23.87
CA ASN A 225 -5.88 10.85 -23.83
C ASN A 225 -5.65 10.31 -22.43
N THR A 226 -5.29 9.03 -22.35
CA THR A 226 -5.01 8.39 -21.07
C THR A 226 -3.58 7.91 -20.94
N VAL A 227 -2.68 8.33 -21.82
CA VAL A 227 -1.30 7.87 -21.77
C VAL A 227 -0.58 8.75 -20.76
N LYS A 228 -0.04 8.12 -19.72
CA LYS A 228 0.55 8.86 -18.61
C LYS A 228 2.01 8.54 -18.37
N ASN A 229 2.77 9.59 -18.14
CA ASN A 229 4.13 9.49 -17.66
C ASN A 229 4.19 9.12 -16.19
N THR A 230 5.41 8.96 -15.67
CA THR A 230 5.58 8.51 -14.27
C THR A 230 5.02 9.48 -13.23
N ASP A 231 4.87 10.74 -13.58
CA ASP A 231 4.24 11.75 -12.73
C ASP A 231 2.80 12.01 -13.08
N GLY A 232 2.19 11.13 -13.86
CA GLY A 232 0.83 11.27 -14.23
C GLY A 232 0.56 12.26 -15.33
N SER A 233 1.57 12.94 -15.85
CA SER A 233 1.29 13.93 -16.88
C SER A 233 0.97 13.20 -18.19
N LEU A 234 0.12 13.82 -19.00
CA LEU A 234 -0.31 13.18 -20.23
C LEU A 234 0.78 13.28 -21.27
N VAL A 235 1.01 12.19 -22.00
CA VAL A 235 1.98 12.17 -23.08
C VAL A 235 1.30 12.66 -24.36
N THR A 236 1.93 13.62 -25.04
CA THR A 236 1.36 14.22 -26.25
C THR A 236 1.47 13.24 -27.41
N PRO A 237 0.37 12.95 -28.12
CA PRO A 237 0.49 12.16 -29.34
C PRO A 237 1.28 12.91 -30.38
N GLU A 238 2.08 12.17 -31.13
CA GLU A 238 2.86 12.67 -32.26
C GLU A 238 2.19 12.47 -33.61
N ILE A 239 1.46 11.37 -33.80
CA ILE A 239 0.83 11.05 -35.07
C ILE A 239 -0.57 10.57 -34.78
N ILE A 240 -1.55 11.15 -35.47
CA ILE A 240 -2.95 10.84 -35.24
C ILE A 240 -3.58 10.40 -36.55
N SER A 241 -4.32 9.29 -36.51
CA SER A 241 -4.97 8.79 -37.71
C SER A 241 -6.09 9.70 -38.16
N ASP A 242 -6.49 9.52 -39.41
CA ASP A 242 -7.75 10.05 -39.91
C ASP A 242 -7.84 11.56 -39.71
N ASP A 243 -6.71 12.23 -39.92
CA ASP A 243 -6.61 13.68 -39.85
C ASP A 243 -7.06 14.25 -38.51
N GLY A 244 -6.99 13.48 -37.44
CA GLY A 244 -7.39 13.97 -36.14
C GLY A 244 -6.36 14.95 -35.56
N ASP A 245 -6.75 15.61 -34.47
CA ASP A 245 -5.85 16.57 -33.83
C ASP A 245 -5.95 16.44 -32.32
N TYR A 246 -4.95 16.99 -31.63
CA TYR A 246 -4.85 16.94 -30.18
C TYR A 246 -5.20 18.30 -29.61
N GLU A 247 -6.15 18.32 -28.69
CA GLU A 247 -6.49 19.52 -27.95
C GLU A 247 -6.51 19.08 -26.49
N LYS A 248 -5.35 19.16 -25.84
CA LYS A 248 -5.14 18.56 -24.53
C LYS A 248 -6.34 18.87 -23.62
N PRO A 249 -6.90 17.85 -22.94
CA PRO A 249 -6.48 16.45 -22.85
C PRO A 249 -7.12 15.48 -23.84
N ASN A 250 -7.72 15.96 -24.93
CA ASN A 250 -8.52 15.12 -25.83
C ASN A 250 -7.91 15.02 -27.22
N VAL A 251 -8.06 13.86 -27.81
CA VAL A 251 -7.85 13.69 -29.24
C VAL A 251 -9.21 13.82 -29.92
N LYS A 252 -9.26 14.58 -31.03
CA LYS A 252 -10.49 14.90 -31.71
C LYS A 252 -10.41 14.52 -33.18
N TRP A 253 -11.52 13.99 -33.71
CA TRP A 253 -11.63 13.59 -35.10
C TRP A 253 -12.96 14.07 -35.64
N HIS A 254 -12.98 14.38 -36.96
CA HIS A 254 -14.19 14.55 -37.75
C HIS A 254 -14.30 13.33 -38.69
N LEU A 255 -15.32 12.49 -38.45
CA LEU A 255 -15.49 11.21 -39.12
C LEU A 255 -16.87 11.21 -39.78
N PRO A 256 -17.03 11.91 -40.90
CA PRO A 256 -18.33 11.90 -41.59
C PRO A 256 -18.84 10.52 -41.93
N GLU A 257 -17.94 9.56 -42.16
CA GLU A 257 -18.32 8.19 -42.43
C GLU A 257 -17.88 7.30 -41.28
N PHE A 258 -18.67 6.26 -41.01
CA PHE A 258 -18.25 5.30 -40.00
C PHE A 258 -16.92 4.67 -40.41
N THR A 259 -16.05 4.41 -39.42
CA THR A 259 -14.85 3.61 -39.60
C THR A 259 -14.72 2.76 -38.35
N ASN A 260 -14.13 1.56 -38.48
CA ASN A 260 -14.13 0.62 -37.36
C ASN A 260 -13.22 1.04 -36.22
N GLU A 261 -12.22 1.89 -36.48
CA GLU A 261 -11.33 2.35 -35.41
C GLU A 261 -10.61 3.62 -35.85
N VAL A 262 -10.15 4.39 -34.86
CA VAL A 262 -9.19 5.46 -35.05
C VAL A 262 -8.03 5.18 -34.08
N SER A 263 -6.93 5.90 -34.25
CA SER A 263 -5.77 5.63 -33.40
C SER A 263 -4.83 6.82 -33.36
N PHE A 264 -3.90 6.78 -32.41
CA PHE A 264 -2.80 7.73 -32.38
C PHE A 264 -1.57 7.06 -31.79
N ILE A 265 -0.41 7.66 -32.09
CA ILE A 265 0.88 7.07 -31.70
C ILE A 265 1.64 8.09 -30.88
N PHE A 266 2.26 7.62 -29.80
CA PHE A 266 3.04 8.45 -28.92
C PHE A 266 4.45 7.89 -28.75
N TYR A 267 5.33 8.80 -28.33
CA TYR A 267 6.72 8.51 -28.06
C TYR A 267 7.18 9.48 -26.99
N GLN A 268 7.75 8.98 -25.91
CA GLN A 268 8.14 9.82 -24.78
C GLN A 268 9.44 9.28 -24.19
N PRO A 269 10.56 9.98 -24.34
CA PRO A 269 11.75 9.63 -23.55
C PRO A 269 11.46 9.75 -22.07
N VAL A 270 11.93 8.76 -21.31
CA VAL A 270 11.72 8.71 -19.87
C VAL A 270 13.02 8.31 -19.19
N THR A 271 13.30 8.93 -18.05
CA THR A 271 14.42 8.57 -17.20
C THR A 271 13.89 8.15 -15.84
N ILE A 272 14.27 6.96 -15.40
CA ILE A 272 13.96 6.50 -14.04
C ILE A 272 15.25 5.97 -13.45
N GLY A 273 15.65 6.50 -12.32
CA GLY A 273 16.95 6.09 -11.78
C GLY A 273 18.01 6.48 -12.79
N LYS A 274 18.90 5.54 -13.13
CA LYS A 274 19.89 5.74 -14.18
C LYS A 274 19.39 5.29 -15.55
N ALA A 275 18.21 4.71 -15.62
CA ALA A 275 17.72 4.12 -16.85
C ALA A 275 17.13 5.16 -17.78
N LYS A 276 17.47 5.07 -19.04
CA LYS A 276 16.86 5.90 -20.06
C LYS A 276 16.05 5.01 -20.98
N ALA A 277 14.77 5.29 -21.07
CA ALA A 277 13.83 4.53 -21.86
C ALA A 277 13.13 5.39 -22.88
N ARG A 278 12.49 4.73 -23.82
CA ARG A 278 11.70 5.34 -24.88
C ARG A 278 10.33 4.69 -24.79
N PHE A 279 9.37 5.35 -24.13
CA PHE A 279 8.02 4.84 -24.02
C PHE A 279 7.28 5.19 -25.30
N HIS A 280 6.91 4.16 -26.05
CA HIS A 280 6.37 4.28 -27.38
C HIS A 280 5.14 3.39 -27.47
N GLY A 281 4.10 3.86 -28.15
CA GLY A 281 2.92 3.01 -28.23
C GLY A 281 1.92 3.61 -29.18
N ARG A 282 0.97 2.75 -29.54
CA ARG A 282 -0.19 3.12 -30.36
C ARG A 282 -1.41 2.89 -29.51
N VAL A 283 -2.31 3.89 -29.46
CA VAL A 283 -3.62 3.77 -28.83
C VAL A 283 -4.64 3.54 -29.93
N THR A 284 -5.37 2.43 -29.85
CA THR A 284 -6.43 2.12 -30.80
C THR A 284 -7.76 2.32 -30.11
N GLN A 285 -8.63 3.08 -30.77
CA GLN A 285 -9.98 3.34 -30.31
C GLN A 285 -10.98 2.67 -31.23
N PRO A 286 -11.49 1.49 -30.89
CA PRO A 286 -12.51 0.83 -31.70
C PRO A 286 -13.80 1.60 -31.58
N LEU A 287 -14.56 1.61 -32.66
CA LEU A 287 -15.81 2.34 -32.71
C LEU A 287 -16.97 1.42 -33.03
N LYS A 288 -18.09 1.63 -32.31
CA LYS A 288 -19.33 0.90 -32.56
C LYS A 288 -20.16 1.66 -33.61
N GLU A 289 -20.57 0.96 -34.65
CA GLU A 289 -21.43 1.60 -35.65
C GLU A 289 -22.82 1.84 -35.09
N GLU B 4 4.70 44.98 0.64
CA GLU B 4 3.81 46.13 0.57
C GLU B 4 3.71 46.79 1.93
N THR B 5 3.76 48.13 1.95
CA THR B 5 3.67 48.88 3.20
C THR B 5 2.69 50.03 3.01
N ILE B 6 2.00 50.42 4.08
CA ILE B 6 0.99 51.45 3.93
C ILE B 6 1.68 52.79 3.76
N THR B 7 1.05 53.69 3.00
CA THR B 7 1.73 54.91 2.64
C THR B 7 2.03 55.75 3.87
N VAL B 8 1.05 55.87 4.77
CA VAL B 8 1.15 56.62 6.01
C VAL B 8 0.22 55.95 7.02
N PRO B 9 0.38 56.20 8.32
CA PRO B 9 -0.63 55.73 9.28
C PRO B 9 -2.00 56.24 8.86
N THR B 10 -2.96 55.33 8.84
CA THR B 10 -4.28 55.65 8.33
C THR B 10 -5.26 54.76 9.06
N PRO B 11 -6.54 55.17 9.10
CA PRO B 11 -7.55 54.37 9.79
C PRO B 11 -7.56 52.94 9.30
N ILE B 12 -7.80 52.08 10.27
CA ILE B 12 -7.92 50.65 9.99
C ILE B 12 -8.91 50.40 8.86
N LYS B 13 -10.06 51.07 8.92
CA LYS B 13 -11.11 50.79 7.92
C LYS B 13 -10.73 51.22 6.52
N GLN B 14 -9.68 52.04 6.35
CA GLN B 14 -9.25 52.45 5.02
C GLN B 14 -8.32 51.44 4.40
N ILE B 15 -7.69 50.62 5.22
CA ILE B 15 -6.80 49.56 4.73
C ILE B 15 -7.58 48.27 4.50
N PHE B 16 -8.44 47.93 5.45
CA PHE B 16 -9.17 46.67 5.50
C PHE B 16 -10.62 46.95 5.10
N SER B 17 -10.92 46.72 3.81
CA SER B 17 -12.19 47.15 3.21
C SER B 17 -13.37 46.35 3.76
N ASP B 18 -13.14 45.13 4.22
CA ASP B 18 -14.25 44.34 4.73
C ASP B 18 -14.54 44.77 6.15
N ASP B 19 -15.81 45.08 6.46
CA ASP B 19 -16.12 45.65 7.77
C ASP B 19 -15.81 44.64 8.88
N ALA B 20 -16.08 43.35 8.65
CA ALA B 20 -15.77 42.35 9.66
C ALA B 20 -14.26 42.17 9.82
N PHE B 21 -13.50 42.16 8.73
CA PHE B 21 -12.06 42.01 8.87
C PHE B 21 -11.44 43.23 9.56
N ALA B 22 -11.96 44.42 9.27
CA ALA B 22 -11.44 45.61 9.95
C ALA B 22 -11.65 45.49 11.45
N GLU B 23 -12.82 44.99 11.87
CA GLU B 23 -13.04 44.76 13.31
C GLU B 23 -12.08 43.70 13.86
N THR B 24 -11.81 42.64 13.09
CA THR B 24 -10.82 41.64 13.48
C THR B 24 -9.47 42.27 13.74
N ILE B 25 -9.01 43.13 12.84
CA ILE B 25 -7.71 43.78 13.00
C ILE B 25 -7.75 44.73 14.20
N LYS B 26 -8.82 45.52 14.33
CA LYS B 26 -8.98 46.36 15.52
C LYS B 26 -8.86 45.56 16.81
N ASP B 27 -9.55 44.42 16.92
CA ASP B 27 -9.47 43.65 18.15
C ASP B 27 -8.09 43.05 18.34
N ASN B 28 -7.47 42.60 17.24
CA ASN B 28 -6.16 41.97 17.35
C ASN B 28 -5.14 42.95 17.91
N LEU B 29 -5.22 44.22 17.48
CA LEU B 29 -4.32 45.28 17.92
C LEU B 29 -4.78 45.99 19.20
N LYS B 30 -5.95 45.63 19.73
CA LYS B 30 -6.51 46.25 20.94
C LYS B 30 -6.74 47.72 20.73
N LYS B 31 -7.12 48.08 19.51
CA LYS B 31 -7.51 49.43 19.20
C LYS B 31 -8.96 49.66 19.63
N LYS B 32 -9.31 50.91 19.85
CA LYS B 32 -10.65 51.21 20.33
C LYS B 32 -11.69 51.27 19.21
N SER B 33 -11.29 51.63 17.98
CA SER B 33 -12.27 51.70 16.90
C SER B 33 -11.58 51.45 15.57
N VAL B 34 -12.38 51.06 14.57
CA VAL B 34 -11.85 50.88 13.23
C VAL B 34 -11.51 52.19 12.55
N THR B 35 -11.83 53.32 13.15
CA THR B 35 -11.36 54.59 12.62
C THR B 35 -10.01 54.99 13.20
N ASP B 36 -9.53 54.29 14.23
CA ASP B 36 -8.22 54.57 14.77
C ASP B 36 -7.19 54.36 13.68
N ALA B 37 -6.13 55.16 13.73
CA ALA B 37 -5.00 54.97 12.82
C ALA B 37 -4.18 53.78 13.25
N VAL B 38 -3.57 53.12 12.26
CA VAL B 38 -2.63 52.03 12.48
C VAL B 38 -1.38 52.37 11.69
N THR B 39 -0.24 51.98 12.26
CA THR B 39 1.07 52.16 11.65
C THR B 39 1.56 50.86 11.02
N GLN B 40 2.52 50.99 10.12
CA GLN B 40 3.08 49.76 9.53
C GLN B 40 3.79 48.91 10.58
N ASN B 41 4.43 49.53 11.58
CA ASN B 41 5.08 48.67 12.58
C ASN B 41 4.06 47.89 13.40
N GLU B 42 2.89 48.48 13.66
CA GLU B 42 1.84 47.71 14.31
C GLU B 42 1.42 46.55 13.44
N LEU B 43 1.22 46.79 12.14
CA LEU B 43 0.85 45.69 11.25
C LEU B 43 1.93 44.63 11.20
N ASN B 44 3.20 45.06 11.19
CA ASN B 44 4.32 44.11 11.16
C ASN B 44 4.33 43.21 12.38
N SER B 45 3.77 43.67 13.49
CA SER B 45 3.78 42.90 14.74
CA SER B 45 3.84 42.86 14.70
C SER B 45 2.68 41.86 14.83
N ILE B 46 1.77 41.81 13.86
CA ILE B 46 0.71 40.80 13.87
C ILE B 46 1.30 39.48 13.41
N ASP B 47 1.33 38.50 14.30
CA ASP B 47 1.84 37.19 13.92
C ASP B 47 0.73 36.17 13.82
N GLN B 48 -0.45 36.43 14.37
CA GLN B 48 -1.53 35.46 14.33
C GLN B 48 -2.87 36.19 14.25
N ILE B 49 -3.77 35.73 13.38
CA ILE B 49 -5.14 36.23 13.33
C ILE B 49 -6.10 35.08 13.58
N ILE B 50 -6.98 35.23 14.56
CA ILE B 50 -8.05 34.27 14.84
C ILE B 50 -9.38 34.91 14.47
N ALA B 51 -9.96 34.46 13.37
CA ALA B 51 -11.15 35.12 12.82
C ALA B 51 -12.01 34.07 12.13
N ASN B 52 -12.30 33.00 12.85
CA ASN B 52 -13.24 32.00 12.38
C ASN B 52 -14.66 32.53 12.57
N ASN B 53 -15.56 32.10 11.69
CA ASN B 53 -16.99 32.35 11.85
C ASN B 53 -17.30 33.81 12.10
N SER B 54 -16.70 34.66 11.27
CA SER B 54 -16.73 36.11 11.46
C SER B 54 -17.36 36.85 10.29
N ASP B 55 -18.03 36.15 9.38
CA ASP B 55 -18.72 36.76 8.24
C ASP B 55 -17.80 37.65 7.40
N ILE B 56 -16.56 37.25 7.24
CA ILE B 56 -15.60 38.00 6.43
C ILE B 56 -15.74 37.61 4.97
N LYS B 57 -15.97 38.60 4.11
CA LYS B 57 -16.09 38.36 2.68
C LYS B 57 -14.78 38.60 1.94
N SER B 58 -13.85 39.37 2.52
CA SER B 58 -12.60 39.72 1.85
C SER B 58 -11.55 40.03 2.89
N VAL B 59 -10.32 39.55 2.64
CA VAL B 59 -9.17 39.89 3.49
C VAL B 59 -8.26 40.91 2.80
N GLN B 60 -8.82 41.70 1.89
CA GLN B 60 -8.11 42.85 1.35
C GLN B 60 -7.51 43.68 2.48
N GLY B 61 -6.22 44.02 2.33
CA GLY B 61 -5.45 44.69 3.35
C GLY B 61 -4.49 43.78 4.09
N ILE B 62 -4.77 42.48 4.14
CA ILE B 62 -3.87 41.57 4.83
C ILE B 62 -2.49 41.54 4.17
N GLN B 63 -2.37 42.03 2.93
CA GLN B 63 -1.09 42.04 2.25
C GLN B 63 -0.07 42.87 3.02
N TYR B 64 -0.53 43.77 3.88
CA TYR B 64 0.37 44.62 4.65
C TYR B 64 0.80 44.01 5.97
N LEU B 65 0.59 42.71 6.16
CA LEU B 65 0.95 42.00 7.38
C LEU B 65 2.04 40.97 7.08
N PRO B 66 3.29 41.40 6.88
CA PRO B 66 4.32 40.49 6.32
C PRO B 66 4.70 39.36 7.24
N ASN B 67 4.44 39.47 8.51
CA ASN B 67 4.96 38.53 9.50
C ASN B 67 3.89 37.60 10.07
N VAL B 68 2.70 37.57 9.48
CA VAL B 68 1.68 36.67 10.01
C VAL B 68 2.09 35.22 9.71
N THR B 69 2.10 34.39 10.74
CA THR B 69 2.47 32.98 10.59
C THR B 69 1.30 32.03 10.73
N LYS B 70 0.19 32.45 11.36
CA LYS B 70 -0.95 31.58 11.63
C LYS B 70 -2.22 32.37 11.36
N LEU B 71 -3.05 31.84 10.49
CA LEU B 71 -4.25 32.51 10.06
C LEU B 71 -5.41 31.55 10.18
N PHE B 72 -6.39 31.88 11.02
CA PHE B 72 -7.57 31.06 11.22
C PHE B 72 -8.76 31.78 10.63
N LEU B 73 -9.22 31.30 9.49
CA LEU B 73 -10.29 31.92 8.74
C LEU B 73 -11.37 30.90 8.35
N ASN B 74 -11.57 29.87 9.18
CA ASN B 74 -12.64 28.92 8.93
C ASN B 74 -14.00 29.59 9.03
N GLY B 75 -14.93 29.21 8.15
CA GLY B 75 -16.33 29.57 8.36
C GLY B 75 -16.62 31.01 8.02
N ASN B 76 -16.09 31.50 6.91
CA ASN B 76 -16.32 32.86 6.48
C ASN B 76 -16.96 32.83 5.11
N LYS B 77 -16.88 33.93 4.38
CA LYS B 77 -17.50 34.06 3.09
C LYS B 77 -16.46 34.41 2.04
N LEU B 78 -15.28 33.80 2.19
CA LEU B 78 -14.16 34.10 1.30
C LEU B 78 -14.27 33.36 -0.01
N THR B 79 -13.92 34.05 -1.08
CA THR B 79 -13.92 33.48 -2.42
C THR B 79 -12.62 33.72 -3.15
N ASP B 80 -11.79 34.62 -2.64
CA ASP B 80 -10.56 35.04 -3.29
C ASP B 80 -9.55 35.13 -2.19
N ILE B 81 -8.39 34.52 -2.41
CA ILE B 81 -7.31 34.59 -1.45
C ILE B 81 -6.05 35.22 -2.05
N LYS B 82 -6.20 35.95 -3.16
CA LYS B 82 -5.06 36.64 -3.76
C LYS B 82 -4.33 37.52 -2.73
N PRO B 83 -5.01 38.13 -1.76
CA PRO B 83 -4.28 39.00 -0.80
C PRO B 83 -3.31 38.23 0.06
N LEU B 84 -3.44 36.91 0.11
CA LEU B 84 -2.51 36.07 0.88
C LEU B 84 -1.20 35.80 0.17
N ALA B 85 -1.12 36.12 -1.13
CA ALA B 85 -0.13 35.50 -2.00
C ALA B 85 1.31 35.78 -1.59
N ASN B 86 1.58 36.93 -0.98
CA ASN B 86 2.93 37.33 -0.63
C ASN B 86 3.18 37.34 0.87
N LEU B 87 2.39 36.56 1.63
CA LEU B 87 2.61 36.37 3.06
C LEU B 87 3.64 35.28 3.23
N LYS B 88 4.90 35.66 3.06
CA LYS B 88 5.99 34.70 2.91
C LYS B 88 6.22 33.87 4.17
N ASN B 89 5.83 34.37 5.34
CA ASN B 89 6.07 33.70 6.60
C ASN B 89 4.87 32.87 7.06
N LEU B 90 3.82 32.77 6.25
CA LEU B 90 2.64 32.01 6.65
C LEU B 90 2.98 30.54 6.80
N GLY B 91 2.72 30.00 7.99
CA GLY B 91 2.99 28.60 8.28
C GLY B 91 1.75 27.72 8.41
N TRP B 92 0.65 28.29 8.90
CA TRP B 92 -0.57 27.55 9.18
C TRP B 92 -1.75 28.35 8.66
N LEU B 93 -2.51 27.77 7.76
CA LEU B 93 -3.62 28.46 7.12
C LEU B 93 -4.86 27.59 7.17
N PHE B 94 -5.92 28.12 7.78
CA PHE B 94 -7.19 27.40 7.95
C PHE B 94 -8.26 28.20 7.23
N LEU B 95 -8.85 27.57 6.21
CA LEU B 95 -9.86 28.20 5.36
C LEU B 95 -11.06 27.28 5.15
N ASP B 96 -11.38 26.41 6.11
CA ASP B 96 -12.53 25.53 5.96
C ASP B 96 -13.79 26.36 5.78
N GLU B 97 -14.77 25.81 5.09
CA GLU B 97 -16.10 26.41 5.00
CA GLU B 97 -16.10 26.41 5.00
C GLU B 97 -16.02 27.83 4.45
N ASN B 98 -15.34 27.96 3.32
CA ASN B 98 -15.39 29.15 2.50
C ASN B 98 -15.73 28.65 1.10
N LYS B 99 -15.50 29.48 0.10
CA LYS B 99 -15.67 29.04 -1.29
C LYS B 99 -14.43 29.42 -2.06
N VAL B 100 -13.27 29.05 -1.51
CA VAL B 100 -11.96 29.38 -2.06
C VAL B 100 -11.55 28.29 -3.01
N LYS B 101 -11.37 28.67 -4.29
CA LYS B 101 -10.93 27.75 -5.35
C LYS B 101 -9.66 28.22 -6.06
N ASP B 102 -9.18 29.45 -5.80
CA ASP B 102 -8.01 29.98 -6.49
C ASP B 102 -6.73 29.53 -5.78
N LEU B 103 -6.48 28.20 -5.80
CA LEU B 103 -5.39 27.68 -4.98
C LEU B 103 -4.01 28.07 -5.51
N SER B 104 -3.92 28.45 -6.79
CA SER B 104 -2.65 28.93 -7.35
C SER B 104 -2.19 30.23 -6.67
N SER B 105 -3.07 30.94 -5.96
CA SER B 105 -2.62 32.09 -5.20
C SER B 105 -1.69 31.70 -4.07
N LEU B 106 -1.66 30.44 -3.68
CA LEU B 106 -0.81 30.00 -2.59
C LEU B 106 0.60 29.66 -3.01
N LYS B 107 0.91 29.82 -4.30
CA LYS B 107 2.05 29.09 -4.84
C LYS B 107 3.39 29.55 -4.29
N ASP B 108 3.47 30.77 -3.74
CA ASP B 108 4.73 31.30 -3.26
C ASP B 108 4.80 31.30 -1.73
N LEU B 109 3.89 30.59 -1.08
CA LEU B 109 3.91 30.42 0.38
C LEU B 109 4.83 29.24 0.73
N LYS B 110 6.12 29.48 0.59
CA LYS B 110 7.09 28.40 0.66
C LYS B 110 7.40 27.96 2.09
N LYS B 111 6.87 28.66 3.09
CA LYS B 111 6.98 28.26 4.49
C LYS B 111 5.71 27.62 5.00
N LEU B 112 4.70 27.47 4.15
CA LEU B 112 3.44 26.93 4.60
C LEU B 112 3.62 25.45 4.96
N LYS B 113 3.23 25.08 6.18
CA LYS B 113 3.35 23.71 6.68
C LYS B 113 2.01 23.00 6.70
N SER B 114 0.95 23.74 6.97
CA SER B 114 -0.37 23.18 7.20
C SER B 114 -1.41 23.98 6.43
N LEU B 115 -2.24 23.30 5.67
CA LEU B 115 -3.25 23.95 4.85
C LEU B 115 -4.57 23.18 4.99
N SER B 116 -5.64 23.89 5.36
CA SER B 116 -6.95 23.28 5.56
C SER B 116 -7.95 24.02 4.70
N LEU B 117 -8.59 23.27 3.81
CA LEU B 117 -9.52 23.80 2.82
C LEU B 117 -10.74 22.91 2.73
N GLU B 118 -11.20 22.39 3.86
CA GLU B 118 -12.34 21.49 3.81
C GLU B 118 -13.61 22.27 3.51
N HIS B 119 -14.55 21.62 2.80
CA HIS B 119 -15.83 22.23 2.50
CA HIS B 119 -15.84 22.21 2.48
C HIS B 119 -15.69 23.56 1.77
N ASN B 120 -14.98 23.55 0.64
CA ASN B 120 -14.85 24.74 -0.18
C ASN B 120 -15.34 24.55 -1.61
N GLY B 121 -15.88 23.40 -1.96
CA GLY B 121 -16.33 23.20 -3.31
C GLY B 121 -15.21 23.05 -4.31
N ILE B 122 -14.05 22.57 -3.85
CA ILE B 122 -12.84 22.46 -4.67
C ILE B 122 -12.88 21.22 -5.54
N SER B 123 -12.57 21.39 -6.81
CA SER B 123 -12.24 20.25 -7.68
C SER B 123 -10.80 20.25 -8.14
N ASP B 124 -10.25 21.38 -8.53
CA ASP B 124 -8.92 21.47 -9.10
C ASP B 124 -7.92 21.82 -8.01
N ILE B 125 -7.02 20.89 -7.71
CA ILE B 125 -5.96 21.10 -6.72
C ILE B 125 -4.58 21.19 -7.38
N ASN B 126 -4.53 21.40 -8.70
CA ASN B 126 -3.26 21.36 -9.39
C ASN B 126 -2.30 22.44 -8.87
N GLY B 127 -2.83 23.54 -8.34
CA GLY B 127 -1.94 24.59 -7.85
C GLY B 127 -1.14 24.18 -6.64
N LEU B 128 -1.54 23.10 -5.97
CA LEU B 128 -0.82 22.68 -4.78
C LEU B 128 0.50 22.03 -5.13
N VAL B 129 0.74 21.77 -6.41
CA VAL B 129 2.03 21.24 -6.80
C VAL B 129 3.18 22.15 -6.37
N HIS B 130 2.91 23.44 -6.21
CA HIS B 130 3.90 24.44 -5.82
C HIS B 130 4.19 24.49 -4.31
N LEU B 131 3.61 23.59 -3.54
CA LEU B 131 3.81 23.54 -2.09
C LEU B 131 4.38 22.20 -1.67
N PRO B 132 5.52 21.79 -2.21
CA PRO B 132 6.04 20.46 -1.87
C PRO B 132 6.54 20.34 -0.44
N GLN B 133 6.68 21.43 0.29
CA GLN B 133 7.09 21.39 1.70
C GLN B 133 5.93 21.15 2.66
N LEU B 134 4.69 21.06 2.17
CA LEU B 134 3.55 20.91 3.05
C LEU B 134 3.67 19.64 3.90
N GLU B 135 3.35 19.77 5.19
CA GLU B 135 3.33 18.66 6.11
C GLU B 135 1.94 18.17 6.44
N SER B 136 0.94 19.03 6.40
CA SER B 136 -0.44 18.67 6.67
C SER B 136 -1.33 19.31 5.62
N LEU B 137 -2.26 18.53 5.09
CA LEU B 137 -3.18 18.99 4.06
C LEU B 137 -4.54 18.37 4.34
N TYR B 138 -5.56 19.23 4.47
CA TYR B 138 -6.91 18.81 4.78
C TYR B 138 -7.84 19.29 3.67
N LEU B 139 -8.33 18.36 2.89
CA LEU B 139 -9.20 18.63 1.75
C LEU B 139 -10.49 17.85 1.84
N GLY B 140 -10.92 17.44 3.02
CA GLY B 140 -12.16 16.71 3.15
C GLY B 140 -13.36 17.52 2.68
N ASN B 141 -14.37 16.80 2.22
CA ASN B 141 -15.67 17.37 1.85
CA ASN B 141 -15.66 17.39 1.86
C ASN B 141 -15.53 18.42 0.73
N ASN B 142 -15.01 17.96 -0.40
CA ASN B 142 -14.85 18.77 -1.61
C ASN B 142 -15.40 17.89 -2.74
N LYS B 143 -15.01 18.19 -3.98
CA LYS B 143 -15.47 17.47 -5.17
C LYS B 143 -14.25 17.12 -6.03
N ILE B 144 -13.20 16.67 -5.38
CA ILE B 144 -11.96 16.33 -6.06
C ILE B 144 -12.06 14.95 -6.69
N THR B 145 -11.59 14.83 -7.94
CA THR B 145 -11.40 13.52 -8.57
C THR B 145 -9.94 13.24 -8.89
N ASP B 146 -9.13 14.25 -9.15
CA ASP B 146 -7.80 14.08 -9.69
C ASP B 146 -6.76 14.57 -8.68
N ILE B 147 -6.07 13.63 -8.04
CA ILE B 147 -5.04 13.98 -7.06
C ILE B 147 -3.63 13.77 -7.58
N THR B 148 -3.47 13.81 -8.90
CA THR B 148 -2.16 13.64 -9.53
C THR B 148 -1.03 14.43 -8.85
N VAL B 149 -1.25 15.72 -8.59
CA VAL B 149 -0.14 16.51 -8.11
C VAL B 149 0.30 16.17 -6.71
N LEU B 150 -0.50 15.39 -5.95
CA LEU B 150 -0.04 15.07 -4.61
C LEU B 150 1.20 14.17 -4.63
N SER B 151 1.53 13.57 -5.79
CA SER B 151 2.75 12.77 -5.82
C SER B 151 4.00 13.61 -5.58
N ARG B 152 3.90 14.95 -5.70
CA ARG B 152 5.01 15.84 -5.36
C ARG B 152 5.11 16.21 -3.88
N LEU B 153 4.08 15.92 -3.09
CA LEU B 153 3.99 16.43 -1.71
C LEU B 153 4.57 15.37 -0.78
N THR B 154 5.86 15.18 -0.92
CA THR B 154 6.56 14.07 -0.27
C THR B 154 6.95 14.36 1.18
N LYS B 155 6.60 15.55 1.68
CA LYS B 155 6.80 15.88 3.09
C LYS B 155 5.49 15.76 3.88
N LEU B 156 4.35 15.46 3.22
CA LEU B 156 3.12 15.29 3.98
C LEU B 156 3.26 14.15 4.97
N ASP B 157 2.90 14.41 6.22
CA ASP B 157 2.67 13.33 7.15
C ASP B 157 1.21 13.15 7.49
N THR B 158 0.35 14.15 7.21
CA THR B 158 -1.07 14.08 7.50
C THR B 158 -1.86 14.58 6.29
N LEU B 159 -2.81 13.78 5.80
CA LEU B 159 -3.54 14.08 4.57
C LEU B 159 -4.97 13.59 4.69
N SER B 160 -5.94 14.48 4.62
CA SER B 160 -7.34 14.10 4.50
C SER B 160 -7.88 14.44 3.13
N LEU B 161 -8.38 13.43 2.46
CA LEU B 161 -9.14 13.54 1.24
C LEU B 161 -10.53 12.93 1.39
N GLU B 162 -11.01 12.79 2.62
CA GLU B 162 -12.28 12.11 2.81
C GLU B 162 -13.43 12.91 2.18
N ASP B 163 -14.45 12.18 1.75
CA ASP B 163 -15.67 12.78 1.22
C ASP B 163 -15.33 13.62 0.00
N ASN B 164 -14.72 12.93 -0.96
CA ASN B 164 -14.52 13.46 -2.31
C ASN B 164 -15.00 12.43 -3.31
N GLN B 165 -14.55 12.55 -4.56
CA GLN B 165 -15.01 11.70 -5.65
C GLN B 165 -13.84 10.92 -6.28
N ILE B 166 -12.89 10.48 -5.42
CA ILE B 166 -11.62 9.92 -5.88
C ILE B 166 -11.74 8.42 -6.03
N SER B 167 -11.38 7.92 -7.21
CA SER B 167 -11.15 6.49 -7.38
C SER B 167 -9.68 6.16 -7.57
N ASP B 168 -8.90 7.08 -8.11
CA ASP B 168 -7.51 6.81 -8.51
C ASP B 168 -6.60 7.38 -7.43
N ILE B 169 -6.06 6.50 -6.58
CA ILE B 169 -5.20 6.91 -5.49
C ILE B 169 -3.75 6.55 -5.78
N VAL B 170 -3.42 6.19 -7.00
CA VAL B 170 -2.02 5.93 -7.39
C VAL B 170 -1.11 7.12 -7.04
N PRO B 171 -1.55 8.37 -7.13
CA PRO B 171 -0.64 9.46 -6.77
C PRO B 171 -0.11 9.42 -5.35
N LEU B 172 -0.76 8.69 -4.45
CA LEU B 172 -0.29 8.53 -3.08
C LEU B 172 0.81 7.50 -2.91
N ALA B 173 1.12 6.72 -3.95
CA ALA B 173 1.83 5.48 -3.69
C ALA B 173 3.23 5.72 -3.19
N GLY B 174 3.88 6.79 -3.63
CA GLY B 174 5.22 7.10 -3.20
C GLY B 174 5.34 8.00 -1.99
N LEU B 175 4.24 8.30 -1.31
CA LEU B 175 4.25 9.27 -0.22
C LEU B 175 4.50 8.58 1.12
N THR B 176 5.68 7.97 1.20
CA THR B 176 5.98 7.09 2.33
C THR B 176 6.13 7.84 3.66
N LYS B 177 6.20 9.16 3.67
CA LYS B 177 6.19 9.86 4.95
C LYS B 177 4.80 9.89 5.57
N LEU B 178 3.75 9.54 4.84
CA LEU B 178 2.43 9.62 5.41
C LEU B 178 2.28 8.78 6.67
N GLN B 179 1.74 9.42 7.69
CA GLN B 179 1.40 8.75 8.95
CA GLN B 179 1.40 8.75 8.95
C GLN B 179 -0.09 8.70 9.21
N ASN B 180 -0.83 9.70 8.77
CA ASN B 180 -2.26 9.81 9.00
C ASN B 180 -2.92 10.09 7.66
N LEU B 181 -3.78 9.17 7.25
CA LEU B 181 -4.37 9.22 5.91
C LEU B 181 -5.86 8.92 5.99
N TYR B 182 -6.67 9.88 5.57
CA TYR B 182 -8.12 9.86 5.79
C TYR B 182 -8.77 9.85 4.41
N LEU B 183 -9.34 8.70 4.03
CA LEU B 183 -9.80 8.44 2.66
C LEU B 183 -11.24 7.94 2.65
N SER B 184 -11.99 8.03 3.75
CA SER B 184 -13.37 7.55 3.74
C SER B 184 -14.20 8.33 2.73
N LYS B 185 -15.27 7.70 2.28
CA LYS B 185 -16.32 8.38 1.49
C LYS B 185 -15.73 8.92 0.18
N ASN B 186 -14.99 8.05 -0.50
CA ASN B 186 -14.54 8.26 -1.88
C ASN B 186 -15.07 7.12 -2.75
N HIS B 187 -14.42 6.84 -3.87
CA HIS B 187 -14.84 5.82 -4.83
C HIS B 187 -13.75 4.79 -5.01
N ILE B 188 -13.03 4.47 -3.92
CA ILE B 188 -11.83 3.66 -4.00
C ILE B 188 -12.19 2.19 -3.99
N SER B 189 -11.70 1.48 -5.00
CA SER B 189 -11.87 0.04 -5.06
C SER B 189 -10.57 -0.74 -4.96
N ASP B 190 -9.41 -0.11 -5.11
CA ASP B 190 -8.12 -0.80 -5.30
C ASP B 190 -7.14 -0.24 -4.28
N LEU B 191 -6.74 -1.01 -3.27
CA LEU B 191 -5.87 -0.47 -2.23
C LEU B 191 -4.40 -0.58 -2.57
N ARG B 192 -4.03 -1.07 -3.76
CA ARG B 192 -2.63 -1.34 -3.98
C ARG B 192 -1.76 -0.09 -3.88
N ALA B 193 -2.29 1.09 -4.17
CA ALA B 193 -1.46 2.29 -4.04
C ALA B 193 -1.01 2.51 -2.61
N LEU B 194 -1.69 1.92 -1.63
CA LEU B 194 -1.32 2.12 -0.24
C LEU B 194 -0.27 1.17 0.27
N ALA B 195 0.12 0.18 -0.53
CA ALA B 195 0.88 -0.95 -0.01
C ALA B 195 2.22 -0.56 0.60
N GLY B 196 2.87 0.44 0.04
CA GLY B 196 4.19 0.86 0.48
C GLY B 196 4.21 1.93 1.56
N LEU B 197 3.05 2.26 2.15
CA LEU B 197 2.97 3.37 3.12
C LEU B 197 3.20 2.82 4.52
N LYS B 198 4.45 2.41 4.73
CA LYS B 198 4.85 1.64 5.89
C LYS B 198 4.89 2.46 7.16
N ASN B 199 4.76 3.79 7.08
CA ASN B 199 4.75 4.61 8.28
C ASN B 199 3.35 5.00 8.72
N LEU B 200 2.32 4.48 8.06
CA LEU B 200 0.97 4.78 8.50
C LEU B 200 0.73 4.33 9.94
N ASP B 201 0.05 5.21 10.68
CA ASP B 201 -0.47 4.92 12.00
C ASP B 201 -1.98 5.04 12.08
N VAL B 202 -2.57 5.94 11.28
CA VAL B 202 -4.01 6.15 11.15
C VAL B 202 -4.36 6.04 9.68
N LEU B 203 -5.33 5.21 9.38
CA LEU B 203 -5.82 5.01 8.03
C LEU B 203 -7.32 4.79 8.10
N GLU B 204 -8.07 5.59 7.36
CA GLU B 204 -9.53 5.49 7.34
C GLU B 204 -9.99 5.28 5.90
N LEU B 205 -10.76 4.21 5.71
CA LEU B 205 -11.19 3.77 4.37
C LEU B 205 -12.67 3.44 4.34
N PHE B 206 -13.45 3.97 5.28
CA PHE B 206 -14.87 3.65 5.41
C PHE B 206 -15.69 4.14 4.21
N SER B 207 -16.77 3.42 3.93
CA SER B 207 -17.92 3.93 3.16
C SER B 207 -17.55 4.40 1.74
N GLN B 208 -16.91 3.53 0.96
CA GLN B 208 -16.65 3.82 -0.44
C GLN B 208 -17.89 3.55 -1.28
N GLU B 209 -18.03 4.32 -2.35
CA GLU B 209 -19.08 4.11 -3.37
C GLU B 209 -18.35 3.94 -4.69
N CYS B 210 -18.24 2.71 -5.13
CA CYS B 210 -17.52 2.39 -6.36
C CYS B 210 -18.55 2.25 -7.46
N LEU B 211 -18.32 2.96 -8.56
CA LEU B 211 -19.29 3.05 -9.63
C LEU B 211 -18.74 2.41 -10.88
N ASN B 212 -19.30 1.29 -11.28
CA ASN B 212 -18.87 0.65 -12.53
C ASN B 212 -19.46 1.34 -13.75
N LYS B 213 -18.70 1.27 -14.86
CA LYS B 213 -19.22 1.67 -16.14
C LYS B 213 -20.44 0.83 -16.49
N PRO B 214 -21.52 1.42 -17.01
CA PRO B 214 -22.68 0.64 -17.41
C PRO B 214 -22.33 -0.46 -18.40
N ILE B 215 -23.01 -1.60 -18.22
CA ILE B 215 -23.00 -2.72 -19.14
C ILE B 215 -24.45 -3.09 -19.48
N ASN B 216 -24.61 -3.87 -20.54
CA ASN B 216 -25.94 -4.29 -20.95
C ASN B 216 -26.55 -5.24 -19.91
N HIS B 217 -27.84 -5.05 -19.65
CA HIS B 217 -28.57 -6.08 -18.95
C HIS B 217 -28.62 -7.37 -19.78
N GLN B 218 -28.55 -8.50 -19.09
CA GLN B 218 -28.63 -9.84 -19.66
C GLN B 218 -29.24 -10.75 -18.60
N SER B 219 -29.91 -11.82 -19.04
CA SER B 219 -30.54 -12.72 -18.08
C SER B 219 -29.51 -13.40 -17.20
N ASN B 220 -28.36 -13.76 -17.77
CA ASN B 220 -27.26 -14.35 -17.01
C ASN B 220 -26.15 -13.30 -16.98
N LEU B 221 -26.14 -12.48 -15.92
CA LEU B 221 -25.20 -11.38 -15.83
C LEU B 221 -23.94 -11.83 -15.09
N VAL B 222 -22.80 -11.40 -15.62
CA VAL B 222 -21.50 -11.68 -15.03
C VAL B 222 -20.75 -10.36 -14.94
N VAL B 223 -20.24 -10.05 -13.75
CA VAL B 223 -19.53 -8.84 -13.50
C VAL B 223 -18.23 -9.21 -12.81
N PRO B 224 -17.06 -8.93 -13.39
CA PRO B 224 -15.81 -9.14 -12.66
C PRO B 224 -15.79 -8.34 -11.37
N ASN B 225 -15.36 -8.99 -10.29
CA ASN B 225 -15.07 -8.28 -9.05
C ASN B 225 -13.77 -7.52 -9.23
N THR B 226 -13.81 -6.22 -8.90
CA THR B 226 -12.69 -5.32 -9.05
C THR B 226 -12.18 -4.78 -7.74
N VAL B 227 -12.64 -5.29 -6.61
CA VAL B 227 -12.25 -4.76 -5.31
C VAL B 227 -11.00 -5.49 -4.85
N LYS B 228 -9.91 -4.75 -4.63
CA LYS B 228 -8.61 -5.35 -4.41
C LYS B 228 -7.93 -4.88 -3.14
N ASN B 229 -7.36 -5.81 -2.42
CA ASN B 229 -6.55 -5.48 -1.26
CA ASN B 229 -6.53 -5.54 -1.27
C ASN B 229 -5.19 -4.95 -1.70
N THR B 230 -4.36 -4.66 -0.70
CA THR B 230 -3.08 -4.05 -0.98
C THR B 230 -2.13 -4.98 -1.75
N ASP B 231 -2.37 -6.28 -1.73
CA ASP B 231 -1.59 -7.25 -2.48
C ASP B 231 -2.28 -7.65 -3.77
N GLY B 232 -3.31 -6.94 -4.14
CA GLY B 232 -3.99 -7.21 -5.38
C GLY B 232 -4.99 -8.33 -5.30
N SER B 233 -5.12 -9.02 -4.17
CA SER B 233 -6.08 -10.10 -4.09
C SER B 233 -7.50 -9.52 -4.03
N LEU B 234 -8.43 -10.27 -4.56
CA LEU B 234 -9.81 -9.81 -4.63
C LEU B 234 -10.50 -9.96 -3.30
N VAL B 235 -11.21 -8.91 -2.91
CA VAL B 235 -12.02 -8.94 -1.70
C VAL B 235 -13.35 -9.63 -2.00
N THR B 236 -13.65 -10.70 -1.25
CA THR B 236 -14.88 -11.45 -1.48
C THR B 236 -16.07 -10.57 -1.10
N PRO B 237 -17.06 -10.39 -1.98
CA PRO B 237 -18.22 -9.60 -1.57
C PRO B 237 -18.92 -10.21 -0.36
N GLU B 238 -19.34 -9.34 0.55
CA GLU B 238 -20.10 -9.78 1.72
C GLU B 238 -21.56 -9.99 1.41
N ILE B 239 -22.17 -9.09 0.67
CA ILE B 239 -23.60 -9.13 0.37
C ILE B 239 -23.74 -8.76 -1.07
N ILE B 240 -24.60 -9.50 -1.77
CA ILE B 240 -24.82 -9.27 -3.18
C ILE B 240 -26.31 -9.04 -3.36
N SER B 241 -26.67 -7.99 -4.12
CA SER B 241 -28.07 -7.70 -4.37
C SER B 241 -28.69 -8.75 -5.28
N ASP B 242 -30.01 -8.70 -5.34
CA ASP B 242 -30.79 -9.43 -6.34
C ASP B 242 -30.44 -10.91 -6.41
N ASP B 243 -30.17 -11.50 -5.23
CA ASP B 243 -29.89 -12.93 -5.10
C ASP B 243 -28.69 -13.39 -5.92
N GLY B 244 -27.76 -12.50 -6.24
CA GLY B 244 -26.55 -12.89 -6.95
C GLY B 244 -25.62 -13.73 -6.07
N ASP B 245 -24.62 -14.31 -6.71
CA ASP B 245 -23.65 -15.13 -6.01
C ASP B 245 -22.27 -14.84 -6.56
N TYR B 246 -21.27 -15.26 -5.81
CA TYR B 246 -19.87 -15.04 -6.15
C TYR B 246 -19.24 -16.35 -6.58
N GLU B 247 -18.69 -16.37 -7.78
CA GLU B 247 -17.87 -17.46 -8.30
C GLU B 247 -16.57 -16.80 -8.70
N LYS B 248 -15.65 -16.68 -7.75
CA LYS B 248 -14.42 -15.93 -7.93
C LYS B 248 -13.84 -16.18 -9.30
N PRO B 249 -13.46 -15.17 -10.07
CA PRO B 249 -13.46 -13.73 -9.73
C PRO B 249 -14.73 -12.97 -10.08
N ASN B 250 -15.83 -13.64 -10.38
CA ASN B 250 -17.00 -12.98 -10.96
C ASN B 250 -18.18 -12.99 -10.01
N VAL B 251 -18.93 -11.88 -10.03
CA VAL B 251 -20.26 -11.81 -9.41
C VAL B 251 -21.26 -12.12 -10.50
N LYS B 252 -22.19 -13.03 -10.17
CA LYS B 252 -23.16 -13.51 -11.12
C LYS B 252 -24.58 -13.32 -10.62
N TRP B 253 -25.47 -12.94 -11.53
CA TRP B 253 -26.88 -12.74 -11.24
C TRP B 253 -27.72 -13.42 -12.32
N HIS B 254 -28.86 -13.95 -11.90
CA HIS B 254 -29.95 -14.35 -12.79
C HIS B 254 -31.01 -13.26 -12.79
N LEU B 255 -31.14 -12.54 -13.93
CA LEU B 255 -32.04 -11.39 -14.07
C LEU B 255 -32.96 -11.57 -15.26
N PRO B 256 -33.97 -12.43 -15.14
CA PRO B 256 -34.88 -12.63 -16.29
C PRO B 256 -35.66 -11.37 -16.66
N GLU B 257 -35.87 -10.46 -15.72
CA GLU B 257 -36.48 -9.16 -15.99
C GLU B 257 -35.40 -8.09 -15.93
N PHE B 258 -35.56 -7.07 -16.75
CA PHE B 258 -34.66 -5.94 -16.70
C PHE B 258 -34.73 -5.24 -15.34
N THR B 259 -33.56 -4.84 -14.85
CA THR B 259 -33.44 -3.91 -13.73
C THR B 259 -32.30 -2.95 -14.04
N ASN B 260 -32.43 -1.71 -13.50
CA ASN B 260 -31.54 -0.59 -13.79
C ASN B 260 -30.15 -0.76 -13.21
N GLU B 261 -30.00 -1.52 -12.15
CA GLU B 261 -28.69 -1.69 -11.53
C GLU B 261 -28.71 -2.89 -10.61
N VAL B 262 -27.54 -3.44 -10.37
CA VAL B 262 -27.29 -4.41 -9.33
C VAL B 262 -26.10 -3.88 -8.53
N SER B 263 -25.83 -4.51 -7.40
CA SER B 263 -24.78 -4.00 -6.53
C SER B 263 -24.26 -5.10 -5.63
N PHE B 264 -23.09 -4.85 -5.06
CA PHE B 264 -22.62 -5.74 -4.01
C PHE B 264 -21.82 -4.93 -3.00
N ILE B 265 -21.82 -5.41 -1.77
CA ILE B 265 -21.19 -4.68 -0.67
C ILE B 265 -20.00 -5.49 -0.20
N PHE B 266 -18.89 -4.80 0.10
CA PHE B 266 -17.68 -5.43 0.59
C PHE B 266 -17.24 -4.82 1.92
N TYR B 267 -16.51 -5.63 2.68
CA TYR B 267 -15.92 -5.22 3.95
C TYR B 267 -14.65 -6.02 4.17
N GLN B 268 -13.56 -5.32 4.43
CA GLN B 268 -12.26 -5.95 4.59
C GLN B 268 -11.40 -5.24 5.61
N PRO B 269 -11.09 -5.84 6.76
CA PRO B 269 -10.06 -5.26 7.62
C PRO B 269 -8.72 -5.24 6.91
N VAL B 270 -7.97 -4.18 7.13
CA VAL B 270 -6.71 -3.93 6.45
C VAL B 270 -5.72 -3.43 7.48
N THR B 271 -4.48 -3.92 7.39
CA THR B 271 -3.39 -3.44 8.23
C THR B 271 -2.26 -3.03 7.28
N ILE B 272 -1.80 -1.78 7.40
CA ILE B 272 -0.62 -1.28 6.70
C ILE B 272 0.25 -0.62 7.74
N GLY B 273 1.45 -1.15 7.91
CA GLY B 273 2.29 -0.72 9.01
C GLY B 273 1.58 -0.93 10.33
N LYS B 274 1.51 0.13 11.13
CA LYS B 274 0.81 0.13 12.42
C LYS B 274 -0.67 0.45 12.28
N ALA B 275 -1.12 0.88 11.10
CA ALA B 275 -2.47 1.37 10.96
C ALA B 275 -3.44 0.24 10.70
N LYS B 276 -4.55 0.27 11.41
CA LYS B 276 -5.61 -0.69 11.18
C LYS B 276 -6.84 0.05 10.65
N ALA B 277 -7.36 -0.41 9.53
CA ALA B 277 -8.47 0.22 8.85
C ALA B 277 -9.52 -0.82 8.50
N ARG B 278 -10.70 -0.34 8.14
CA ARG B 278 -11.80 -1.17 7.67
C ARG B 278 -12.23 -0.61 6.32
N PHE B 279 -11.80 -1.27 5.27
CA PHE B 279 -12.10 -0.90 3.90
C PHE B 279 -13.47 -1.48 3.58
N HIS B 280 -14.45 -0.62 3.33
CA HIS B 280 -15.76 -1.17 3.08
C HIS B 280 -16.50 -0.22 2.17
N GLY B 281 -17.48 -0.78 1.49
CA GLY B 281 -18.25 0.04 0.58
C GLY B 281 -19.12 -0.82 -0.29
N ARG B 282 -19.59 -0.18 -1.35
CA ARG B 282 -20.57 -0.75 -2.27
C ARG B 282 -20.05 -0.56 -3.67
N VAL B 283 -20.17 -1.59 -4.50
CA VAL B 283 -19.98 -1.49 -5.93
C VAL B 283 -21.36 -1.44 -6.57
N THR B 284 -21.64 -0.41 -7.35
CA THR B 284 -22.88 -0.30 -8.09
C THR B 284 -22.63 -0.54 -9.56
N GLN B 285 -23.43 -1.42 -10.15
CA GLN B 285 -23.37 -1.74 -11.57
C GLN B 285 -24.63 -1.33 -12.29
N PRO B 286 -24.64 -0.15 -12.95
CA PRO B 286 -25.80 0.21 -13.75
C PRO B 286 -25.91 -0.70 -14.96
N LEU B 287 -27.14 -0.90 -15.42
CA LEU B 287 -27.42 -1.77 -16.54
C LEU B 287 -28.16 -1.00 -17.62
N LYS B 288 -27.76 -1.21 -18.87
CA LYS B 288 -28.46 -0.66 -20.01
C LYS B 288 -29.55 -1.61 -20.47
N GLU B 289 -30.70 -1.05 -20.81
CA GLU B 289 -31.81 -1.86 -21.29
C GLU B 289 -31.59 -2.26 -22.75
N VAL C 2 -19.07 17.30 21.22
CA VAL C 2 -18.06 16.56 21.96
C VAL C 2 -17.90 17.16 23.36
N LYS C 3 -17.95 16.30 24.39
CA LYS C 3 -17.75 16.69 25.78
C LYS C 3 -16.58 15.91 26.38
N LEU C 4 -15.75 16.59 27.18
CA LEU C 4 -14.58 15.96 27.80
C LEU C 4 -14.77 15.95 29.31
N GLU C 5 -14.78 14.74 29.89
CA GLU C 5 -14.90 14.54 31.33
C GLU C 5 -13.54 14.21 31.90
N GLU C 6 -13.05 15.06 32.81
CA GLU C 6 -11.72 14.92 33.39
C GLU C 6 -11.81 14.31 34.79
N SER C 7 -10.75 13.64 35.19
CA SER C 7 -10.71 13.09 36.54
CA SER C 7 -10.71 13.08 36.54
C SER C 7 -9.26 12.96 36.97
N GLY C 8 -9.08 12.83 38.28
CA GLY C 8 -7.74 12.66 38.83
C GLY C 8 -7.10 13.96 39.29
N GLY C 9 -5.77 14.02 39.20
CA GLY C 9 -5.07 15.19 39.68
C GLY C 9 -4.87 15.15 41.19
N GLY C 10 -4.84 16.34 41.79
CA GLY C 10 -4.64 16.46 43.23
C GLY C 10 -3.31 17.07 43.62
N SER C 11 -2.83 16.74 44.82
CA SER C 11 -1.58 17.28 45.31
C SER C 11 -0.69 16.11 45.74
N VAL C 12 0.62 16.29 45.56
CA VAL C 12 1.59 15.26 45.90
C VAL C 12 2.93 15.94 46.18
N GLN C 13 3.74 15.29 47.01
CA GLN C 13 5.07 15.80 47.28
C GLN C 13 5.96 15.56 46.07
N ALA C 14 6.94 16.45 45.89
CA ALA C 14 7.87 16.35 44.77
C ALA C 14 8.52 14.97 44.74
N GLY C 15 8.67 14.43 43.54
CA GLY C 15 9.12 13.07 43.33
C GLY C 15 8.01 12.04 43.31
N GLY C 16 6.81 12.41 43.73
CA GLY C 16 5.70 11.49 43.77
C GLY C 16 5.02 11.41 42.42
N SER C 17 3.90 10.69 42.40
CA SER C 17 3.18 10.39 41.17
C SER C 17 1.72 10.82 41.29
N LEU C 18 1.15 11.17 40.14
CA LEU C 18 -0.28 11.44 40.04
C LEU C 18 -0.77 10.90 38.70
N ARG C 19 -2.06 10.62 38.62
CA ARG C 19 -2.66 10.15 37.38
C ARG C 19 -3.81 11.07 37.01
N LEU C 20 -3.91 11.39 35.73
CA LEU C 20 -5.05 12.10 35.17
C LEU C 20 -5.75 11.19 34.17
N SER C 21 -7.05 11.41 34.01
CA SER C 21 -7.85 10.66 33.06
C SER C 21 -8.79 11.61 32.34
N CYS C 22 -9.11 11.29 31.09
CA CYS C 22 -10.06 12.11 30.34
C CYS C 22 -10.86 11.23 29.40
N ALA C 23 -12.19 11.39 29.42
CA ALA C 23 -13.09 10.60 28.60
C ALA C 23 -13.82 11.54 27.65
N ALA C 24 -13.82 11.19 26.36
CA ALA C 24 -14.58 11.91 25.35
C ALA C 24 -15.91 11.21 25.11
N SER C 25 -16.97 11.99 24.99
CA SER C 25 -18.27 11.42 24.70
C SER C 25 -18.94 12.30 23.66
N GLY C 26 -20.03 11.77 23.11
CA GLY C 26 -20.76 12.47 22.07
C GLY C 26 -20.31 12.09 20.68
N HIS C 27 -20.18 13.09 19.81
CA HIS C 27 -19.94 12.85 18.39
C HIS C 27 -18.45 12.79 18.10
N THR C 28 -17.83 11.72 18.59
CA THR C 28 -16.41 11.52 18.35
C THR C 28 -16.18 10.88 16.98
N TYR C 29 -15.05 11.24 16.38
CA TYR C 29 -14.62 10.65 15.13
C TYR C 29 -14.02 9.26 15.39
N SER C 30 -13.77 8.53 14.31
CA SER C 30 -13.21 7.18 14.43
C SER C 30 -11.84 7.21 15.09
N THR C 31 -11.02 8.18 14.72
CA THR C 31 -9.73 8.44 15.35
C THR C 31 -9.66 9.92 15.66
N TYR C 32 -8.90 10.26 16.71
CA TYR C 32 -8.77 11.67 17.05
C TYR C 32 -7.62 11.84 18.01
N CYS C 33 -7.19 13.09 18.16
CA CYS C 33 -6.11 13.42 19.08
C CYS C 33 -6.69 13.87 20.40
N MET C 34 -6.15 13.35 21.49
CA MET C 34 -6.62 13.73 22.81
C MET C 34 -5.44 13.73 23.78
N GLY C 35 -5.46 14.68 24.71
CA GLY C 35 -4.37 14.77 25.67
C GLY C 35 -4.61 15.99 26.53
N TRP C 36 -3.51 16.53 27.05
CA TRP C 36 -3.58 17.65 27.97
C TRP C 36 -2.66 18.78 27.53
N PHE C 37 -3.15 19.99 27.75
CA PHE C 37 -2.35 21.18 27.90
C PHE C 37 -2.32 21.52 29.39
N ARG C 38 -1.45 22.45 29.77
CA ARG C 38 -1.46 22.94 31.15
C ARG C 38 -1.20 24.43 31.11
N GLN C 39 -1.65 25.13 32.18
CA GLN C 39 -1.42 26.56 32.35
C GLN C 39 -1.31 26.92 33.83
N GLU C 44 0.39 31.67 30.36
CA GLU C 44 0.66 31.09 29.03
C GLU C 44 0.55 29.55 28.96
N ARG C 45 -0.48 29.02 28.28
CA ARG C 45 -0.71 27.59 28.24
C ARG C 45 0.32 26.91 27.35
N GLU C 46 0.49 25.61 27.57
CA GLU C 46 1.45 24.83 26.81
C GLU C 46 0.96 23.41 26.70
N GLY C 47 1.27 22.77 25.57
CA GLY C 47 0.97 21.37 25.43
C GLY C 47 1.80 20.50 26.35
N VAL C 48 1.21 19.40 26.80
CA VAL C 48 1.86 18.48 27.72
C VAL C 48 2.08 17.13 27.06
N ALA C 49 1.00 16.48 26.64
CA ALA C 49 1.11 15.18 26.01
C ALA C 49 -0.16 14.90 25.26
N ARG C 50 -0.03 14.14 24.17
CA ARG C 50 -1.20 13.68 23.46
C ARG C 50 -0.96 12.29 22.91
N ILE C 51 -2.07 11.68 22.49
CA ILE C 51 -2.07 10.39 21.82
C ILE C 51 -3.15 10.43 20.75
N ASN C 52 -2.89 9.71 19.65
CA ASN C 52 -3.88 9.58 18.57
C ASN C 52 -4.76 8.39 18.96
N VAL C 53 -5.93 8.67 19.53
CA VAL C 53 -6.92 7.68 19.92
C VAL C 53 -7.41 7.00 18.66
N GLY C 54 -7.22 5.71 18.60
CA GLY C 54 -7.48 4.95 17.41
C GLY C 54 -6.25 4.62 16.60
N GLY C 55 -5.14 5.31 16.87
CA GLY C 55 -3.84 4.94 16.35
C GLY C 55 -2.91 4.65 17.51
N SER C 56 -1.66 5.08 17.41
CA SER C 56 -0.76 4.87 18.52
C SER C 56 0.21 6.01 18.78
N SER C 57 0.33 6.97 17.89
CA SER C 57 1.37 7.99 18.02
CA SER C 57 1.36 7.98 18.03
C SER C 57 1.15 8.84 19.26
N THR C 58 2.25 9.14 19.96
CA THR C 58 2.23 10.01 21.11
C THR C 58 3.16 11.19 20.88
N TRP C 59 2.94 12.21 21.68
CA TRP C 59 3.84 13.36 21.74
C TRP C 59 3.90 13.85 23.16
N TYR C 60 5.09 14.26 23.58
CA TYR C 60 5.32 14.84 24.91
C TYR C 60 6.09 16.14 24.81
N ALA C 61 5.75 17.10 25.66
CA ALA C 61 6.63 18.25 25.86
C ALA C 61 8.01 17.81 26.29
N ASP C 62 9.04 18.54 25.82
CA ASP C 62 10.42 18.23 26.19
C ASP C 62 10.60 18.07 27.70
N SER C 63 9.91 18.90 28.49
CA SER C 63 10.14 18.92 29.93
C SER C 63 9.48 17.78 30.68
N VAL C 64 8.58 17.03 30.04
CA VAL C 64 7.90 15.92 30.69
C VAL C 64 8.20 14.57 30.04
N ARG C 65 8.95 14.55 28.92
CA ARG C 65 9.03 13.33 28.11
C ARG C 65 9.56 12.15 28.92
N ASP C 66 10.56 12.36 29.76
CA ASP C 66 11.12 11.19 30.42
C ASP C 66 10.30 10.72 31.61
N ARG C 67 9.28 11.47 32.01
CA ARG C 67 8.61 11.28 33.30
C ARG C 67 7.14 10.99 33.20
N PHE C 68 6.48 11.40 32.11
CA PHE C 68 5.07 11.22 31.91
C PHE C 68 4.83 10.18 30.82
N THR C 69 3.73 9.46 30.95
CA THR C 69 3.35 8.45 29.97
C THR C 69 1.87 8.59 29.69
N ILE C 70 1.51 8.72 28.43
CA ILE C 70 0.11 8.80 28.04
C ILE C 70 -0.28 7.48 27.37
N SER C 71 -1.51 7.04 27.64
CA SER C 71 -2.06 5.82 27.07
C SER C 71 -3.53 6.02 26.76
N GLN C 72 -4.14 5.05 26.08
CA GLN C 72 -5.54 5.13 25.71
C GLN C 72 -6.26 3.84 26.04
N ASP C 73 -7.56 3.98 26.24
CA ASP C 73 -8.51 2.89 26.11
C ASP C 73 -9.48 3.34 24.99
N ASN C 74 -9.19 2.92 23.76
CA ASN C 74 -9.96 3.38 22.61
C ASN C 74 -11.42 2.99 22.72
N ALA C 75 -11.71 1.78 23.23
CA ALA C 75 -13.09 1.34 23.39
C ALA C 75 -13.86 2.24 24.33
N LYS C 76 -13.21 2.78 25.36
CA LYS C 76 -13.84 3.68 26.32
C LYS C 76 -13.61 5.15 25.97
N ASN C 77 -13.03 5.42 24.81
CA ASN C 77 -12.71 6.79 24.38
C ASN C 77 -12.08 7.58 25.52
N THR C 78 -11.10 6.96 26.19
CA THR C 78 -10.47 7.53 27.36
C THR C 78 -8.96 7.53 27.18
N VAL C 79 -8.32 8.58 27.68
CA VAL C 79 -6.87 8.65 27.71
C VAL C 79 -6.46 8.87 29.16
N TYR C 80 -5.23 8.45 29.44
CA TYR C 80 -4.69 8.43 30.79
C TYR C 80 -3.29 9.02 30.75
N LEU C 81 -2.96 9.83 31.76
CA LEU C 81 -1.64 10.41 31.88
C LEU C 81 -1.08 9.96 33.22
N GLN C 82 -0.01 9.18 33.18
CA GLN C 82 0.76 8.83 34.37
C GLN C 82 1.89 9.84 34.50
N MET C 83 1.89 10.57 35.61
CA MET C 83 2.87 11.62 35.86
C MET C 83 3.76 11.15 37.00
N ASN C 84 5.00 10.79 36.68
CA ASN C 84 5.97 10.30 37.65
C ASN C 84 7.03 11.36 37.91
N SER C 85 7.73 11.21 39.04
CA SER C 85 8.88 12.05 39.35
C SER C 85 8.50 13.53 39.25
N LEU C 86 7.37 13.88 39.87
CA LEU C 86 6.81 15.20 39.69
C LEU C 86 7.72 16.26 40.31
N LYS C 87 7.75 17.42 39.67
CA LYS C 87 8.57 18.55 40.07
C LYS C 87 7.68 19.75 40.43
N LEU C 88 8.24 20.71 41.19
CA LEU C 88 7.47 21.89 41.56
C LEU C 88 6.90 22.58 40.32
N GLU C 89 7.70 22.68 39.26
CA GLU C 89 7.30 23.34 38.04
C GLU C 89 6.18 22.61 37.30
N ASP C 90 5.82 21.40 37.71
CA ASP C 90 4.68 20.72 37.11
C ASP C 90 3.35 21.18 37.70
N THR C 91 3.37 21.97 38.78
CA THR C 91 2.15 22.54 39.32
C THR C 91 1.48 23.43 38.29
N ALA C 92 0.21 23.15 38.02
CA ALA C 92 -0.56 23.90 37.04
C ALA C 92 -1.98 23.33 37.01
N ILE C 93 -2.86 24.01 36.27
CA ILE C 93 -4.14 23.45 35.89
C ILE C 93 -3.95 22.69 34.59
N TYR C 94 -4.34 21.42 34.58
CA TYR C 94 -4.22 20.59 33.41
C TYR C 94 -5.57 20.44 32.74
N TYR C 95 -5.64 20.74 31.45
CA TYR C 95 -6.89 20.72 30.69
C TYR C 95 -6.87 19.59 29.69
N CYS C 96 -7.86 18.71 29.75
CA CYS C 96 -8.05 17.77 28.65
C CYS C 96 -8.48 18.53 27.42
N THR C 97 -7.97 18.09 26.27
CA THR C 97 -8.27 18.80 25.03
C THR C 97 -8.18 17.85 23.84
N LEU C 98 -8.99 18.13 22.82
CA LEU C 98 -9.20 17.20 21.72
C LEU C 98 -9.24 17.93 20.39
N HIS C 99 -8.71 17.29 19.36
CA HIS C 99 -8.90 17.71 17.97
C HIS C 99 -8.82 16.47 17.13
N ARG C 100 -9.55 16.45 16.02
CA ARG C 100 -9.52 15.26 15.17
C ARG C 100 -8.12 14.95 14.67
N PHE C 101 -7.33 15.98 14.40
CA PHE C 101 -6.02 15.82 13.81
C PHE C 101 -4.91 16.28 14.76
N CYS C 102 -3.95 15.41 15.04
CA CYS C 102 -2.92 15.76 16.02
C CYS C 102 -2.09 16.96 15.61
N ASN C 103 -1.79 17.15 14.33
CA ASN C 103 -0.94 18.30 14.01
C ASN C 103 -1.65 19.61 14.31
N THR C 104 -2.97 19.63 14.20
CA THR C 104 -3.71 20.84 14.60
C THR C 104 -3.90 20.91 16.10
N TRP C 105 -4.09 19.76 16.75
CA TRP C 105 -4.22 19.70 18.22
C TRP C 105 -3.14 20.52 18.90
N SER C 106 -1.92 20.45 18.38
CA SER C 106 -0.76 21.10 18.98
C SER C 106 -0.94 22.61 19.12
N LEU C 107 -1.78 23.22 18.28
CA LEU C 107 -1.99 24.67 18.30
C LEU C 107 -2.89 25.11 19.45
N GLY C 108 -3.78 24.23 19.90
CA GLY C 108 -4.78 24.56 20.91
C GLY C 108 -6.00 25.31 20.41
N THR C 109 -5.76 26.30 19.54
CA THR C 109 -6.76 27.27 19.10
C THR C 109 -8.09 26.63 18.66
N LEU C 110 -8.03 25.54 17.89
CA LEU C 110 -9.22 24.92 17.33
C LEU C 110 -9.70 23.70 18.12
N ASN C 111 -9.13 23.42 19.30
CA ASN C 111 -9.51 22.26 20.08
C ASN C 111 -10.84 22.44 20.82
N VAL C 112 -11.42 21.28 21.21
CA VAL C 112 -12.39 21.17 22.28
C VAL C 112 -11.64 21.12 23.61
N TRP C 113 -12.20 21.76 24.66
CA TRP C 113 -11.49 21.91 25.93
C TRP C 113 -12.31 21.37 27.09
N GLY C 114 -11.62 20.70 28.02
CA GLY C 114 -12.22 20.36 29.30
C GLY C 114 -12.16 21.54 30.26
N GLN C 115 -12.70 21.31 31.46
CA GLN C 115 -12.81 22.35 32.48
C GLN C 115 -11.51 22.59 33.24
N GLY C 116 -10.61 21.60 33.25
CA GLY C 116 -9.33 21.74 33.95
C GLY C 116 -9.28 21.12 35.32
N THR C 117 -8.19 20.41 35.64
CA THR C 117 -8.00 19.81 36.95
C THR C 117 -6.70 20.31 37.55
N GLN C 118 -6.76 20.72 38.82
CA GLN C 118 -5.58 21.26 39.47
C GLN C 118 -4.60 20.15 39.80
N VAL C 119 -3.33 20.42 39.53
CA VAL C 119 -2.22 19.56 39.94
C VAL C 119 -1.25 20.42 40.73
N THR C 120 -0.94 20.02 41.96
CA THR C 120 -0.05 20.80 42.80
C THR C 120 1.07 19.89 43.33
N VAL C 121 2.30 20.34 43.16
CA VAL C 121 3.49 19.61 43.59
C VAL C 121 4.18 20.41 44.68
N SER C 122 4.43 19.77 45.82
CA SER C 122 5.01 20.42 46.98
C SER C 122 6.33 19.76 47.33
N SER C 123 7.15 20.47 48.11
CA SER C 123 8.37 19.87 48.63
C SER C 123 8.43 19.99 50.14
N VAL D 2 -6.31 -28.06 1.61
CA VAL D 2 -5.39 -27.25 2.41
C VAL D 2 -3.94 -27.63 2.13
N LYS D 3 -3.10 -26.66 1.79
CA LYS D 3 -1.68 -26.90 1.51
C LYS D 3 -0.83 -25.97 2.36
N LEU D 4 0.29 -26.48 2.88
CA LEU D 4 1.17 -25.72 3.75
C LEU D 4 2.52 -25.53 3.07
N GLU D 5 2.95 -24.28 2.95
CA GLU D 5 4.23 -23.92 2.34
C GLU D 5 5.19 -23.45 3.41
N GLU D 6 6.29 -24.15 3.56
CA GLU D 6 7.25 -23.88 4.62
C GLU D 6 8.45 -23.11 4.10
N SER D 7 8.98 -22.22 4.93
CA SER D 7 10.20 -21.49 4.58
C SER D 7 11.06 -21.28 5.83
N GLY D 8 12.32 -20.97 5.59
CA GLY D 8 13.22 -20.62 6.67
C GLY D 8 14.04 -21.79 7.17
N GLY D 9 14.34 -21.79 8.46
CA GLY D 9 15.18 -22.82 9.02
C GLY D 9 16.64 -22.53 8.76
N GLY D 10 17.44 -23.59 8.75
CA GLY D 10 18.86 -23.49 8.46
C GLY D 10 19.75 -23.97 9.60
N SER D 11 20.99 -23.48 9.61
CA SER D 11 21.98 -23.88 10.61
C SER D 11 22.52 -22.61 11.28
N VAL D 12 22.67 -22.67 12.60
CA VAL D 12 23.19 -21.54 13.37
C VAL D 12 23.92 -22.08 14.59
N GLN D 13 24.88 -21.32 15.11
CA GLN D 13 25.63 -21.73 16.28
C GLN D 13 24.80 -21.51 17.53
N ALA D 14 25.02 -22.37 18.54
CA ALA D 14 24.26 -22.31 19.78
C ALA D 14 24.24 -20.89 20.34
N GLY D 15 23.06 -20.47 20.81
CA GLY D 15 22.82 -19.11 21.23
C GLY D 15 22.33 -18.19 20.12
N GLY D 16 22.45 -18.61 18.86
CA GLY D 16 22.00 -17.81 17.74
C GLY D 16 20.49 -17.82 17.59
N SER D 17 20.07 -17.33 16.44
CA SER D 17 18.67 -17.17 16.10
C SER D 17 18.42 -17.70 14.71
N LEU D 18 17.19 -18.19 14.52
CA LEU D 18 16.67 -18.59 13.22
C LEU D 18 15.20 -18.21 13.17
N ARG D 19 14.65 -18.18 11.97
CA ARG D 19 13.22 -17.93 11.78
C ARG D 19 12.62 -19.00 10.88
N LEU D 20 11.36 -19.34 11.15
CA LEU D 20 10.58 -20.24 10.31
C LEU D 20 9.32 -19.50 9.87
N SER D 21 8.83 -19.83 8.68
CA SER D 21 7.58 -19.29 8.18
C SER D 21 6.72 -20.42 7.62
N CYS D 22 5.40 -20.26 7.70
CA CYS D 22 4.52 -21.20 7.06
C CYS D 22 3.25 -20.51 6.58
N ALA D 23 2.90 -20.75 5.33
CA ALA D 23 1.74 -20.12 4.71
C ALA D 23 0.74 -21.21 4.35
N ALA D 24 -0.51 -21.00 4.71
CA ALA D 24 -1.59 -21.91 4.33
C ALA D 24 -2.31 -21.36 3.12
N SER D 25 -2.66 -22.26 2.21
CA SER D 25 -3.37 -21.84 1.01
C SER D 25 -4.43 -22.86 0.68
N GLY D 26 -5.25 -22.50 -0.29
CA GLY D 26 -6.35 -23.35 -0.74
C GLY D 26 -7.63 -23.04 0.02
N HIS D 27 -8.15 -24.05 0.72
CA HIS D 27 -9.48 -23.97 1.29
C HIS D 27 -9.47 -23.70 2.79
N THR D 28 -8.89 -22.59 3.23
CA THR D 28 -8.74 -22.32 4.66
C THR D 28 -10.06 -21.88 5.27
N TYR D 29 -10.30 -22.31 6.51
CA TYR D 29 -11.42 -21.80 7.28
C TYR D 29 -11.17 -20.33 7.65
N SER D 30 -12.22 -19.66 8.14
CA SER D 30 -12.07 -18.27 8.56
C SER D 30 -11.02 -18.11 9.65
N THR D 31 -11.03 -19.00 10.63
CA THR D 31 -10.01 -19.07 11.67
C THR D 31 -9.51 -20.49 11.76
N TYR D 32 -8.26 -20.66 12.21
CA TYR D 32 -7.71 -22.00 12.30
C TYR D 32 -6.44 -21.95 13.13
N CYS D 33 -5.98 -23.14 13.55
CA CYS D 33 -4.77 -23.28 14.36
C CYS D 33 -3.63 -23.67 13.45
N MET D 34 -2.52 -22.93 13.55
CA MET D 34 -1.36 -23.25 12.75
C MET D 34 -0.08 -23.03 13.56
N GLY D 35 0.90 -23.87 13.30
CA GLY D 35 2.15 -23.78 14.03
C GLY D 35 3.02 -24.94 13.66
N TRP D 36 3.92 -25.29 14.59
CA TRP D 36 4.90 -26.31 14.29
C TRP D 36 4.92 -27.39 15.36
N PHE D 37 5.17 -28.60 14.91
CA PHE D 37 5.71 -29.69 15.69
C PHE D 37 7.15 -29.88 15.23
N ARG D 38 7.94 -30.60 16.02
CA ARG D 38 9.29 -30.92 15.59
C ARG D 38 9.55 -32.39 15.91
N GLN D 39 10.52 -32.96 15.19
CA GLN D 39 10.86 -34.36 15.41
C GLN D 39 12.31 -34.60 15.06
N VAL D 40 13.02 -35.22 15.97
CA VAL D 40 14.30 -35.82 15.62
C VAL D 40 14.05 -37.16 14.95
N PRO D 41 14.71 -37.47 13.85
CA PRO D 41 14.46 -38.76 13.18
C PRO D 41 14.43 -39.91 14.18
N GLY D 42 13.43 -40.78 14.04
CA GLY D 42 13.27 -41.93 14.90
C GLY D 42 12.56 -41.66 16.22
N LYS D 43 12.73 -40.44 16.75
CA LYS D 43 12.20 -40.08 18.05
C LYS D 43 10.79 -39.53 17.90
N GLU D 44 10.14 -39.29 19.04
CA GLU D 44 8.74 -38.90 19.06
C GLU D 44 8.58 -37.45 18.64
N ARG D 45 7.59 -37.18 17.80
CA ARG D 45 7.27 -35.81 17.46
C ARG D 45 6.71 -35.10 18.70
N GLU D 46 6.79 -33.77 18.68
CA GLU D 46 6.27 -33.00 19.80
C GLU D 46 5.85 -31.62 19.32
N GLY D 47 4.80 -31.09 19.93
CA GLY D 47 4.38 -29.75 19.62
C GLY D 47 5.43 -28.72 20.05
N VAL D 48 5.54 -27.66 19.26
CA VAL D 48 6.47 -26.56 19.55
C VAL D 48 5.72 -25.28 19.88
N ALA D 49 4.89 -24.80 18.94
CA ALA D 49 4.20 -23.54 19.11
C ALA D 49 3.05 -23.51 18.14
N ARG D 50 1.96 -22.88 18.57
CA ARG D 50 0.87 -22.61 17.65
C ARG D 50 0.23 -21.27 17.96
N ILE D 51 -0.60 -20.82 17.02
CA ILE D 51 -1.33 -19.58 17.15
C ILE D 51 -2.65 -19.80 16.43
N ASN D 52 -3.71 -19.17 16.93
CA ASN D 52 -5.03 -19.25 16.31
C ASN D 52 -5.04 -18.13 15.28
N VAL D 53 -4.86 -18.48 14.00
CA VAL D 53 -4.89 -17.51 12.93
C VAL D 53 -6.32 -17.01 12.78
N GLY D 54 -6.48 -15.70 12.87
CA GLY D 54 -7.79 -15.08 12.96
C GLY D 54 -8.22 -14.74 14.37
N GLY D 55 -7.53 -15.28 15.38
CA GLY D 55 -7.66 -14.87 16.75
C GLY D 55 -6.31 -14.41 17.22
N SER D 56 -5.95 -14.73 18.47
CA SER D 56 -4.67 -14.28 19.01
C SER D 56 -4.00 -15.32 19.91
N SER D 57 -4.70 -16.38 20.33
CA SER D 57 -4.17 -17.26 21.36
CA SER D 57 -4.17 -17.24 21.37
C SER D 57 -2.95 -18.01 20.86
N THR D 58 -1.93 -18.08 21.71
CA THR D 58 -0.73 -18.84 21.41
C THR D 58 -0.54 -19.95 22.44
N TRP D 59 0.28 -20.90 22.04
CA TRP D 59 0.74 -21.97 22.91
C TRP D 59 2.18 -22.26 22.59
N TYR D 60 2.97 -22.51 23.64
CA TYR D 60 4.36 -22.89 23.53
C TYR D 60 4.65 -24.12 24.36
N ALA D 61 5.49 -25.01 23.82
CA ALA D 61 6.06 -26.07 24.63
C ALA D 61 6.86 -25.46 25.77
N ASP D 62 6.83 -26.15 26.92
CA ASP D 62 7.55 -25.69 28.10
C ASP D 62 8.99 -25.32 27.81
N SER D 63 9.64 -26.09 26.93
CA SER D 63 11.07 -25.97 26.70
C SER D 63 11.47 -24.81 25.81
N VAL D 64 10.51 -24.18 25.12
CA VAL D 64 10.79 -23.07 24.20
C VAL D 64 10.12 -21.78 24.64
N ARG D 65 9.34 -21.82 25.73
CA ARG D 65 8.34 -20.79 26.03
C ARG D 65 8.92 -19.38 26.08
N ASP D 66 10.17 -19.23 26.49
CA ASP D 66 10.71 -17.89 26.62
C ASP D 66 11.67 -17.52 25.50
N ARG D 67 12.06 -18.48 24.67
CA ARG D 67 13.06 -18.25 23.63
C ARG D 67 12.44 -18.10 22.25
N PHE D 68 11.27 -18.70 22.04
CA PHE D 68 10.58 -18.69 20.77
C PHE D 68 9.34 -17.81 20.85
N THR D 69 9.03 -17.14 19.75
CA THR D 69 7.82 -16.33 19.63
C THR D 69 7.14 -16.65 18.31
N ILE D 70 5.83 -16.89 18.36
CA ILE D 70 5.03 -17.15 17.19
C ILE D 70 4.12 -15.96 16.95
N SER D 71 3.96 -15.59 15.68
CA SER D 71 3.13 -14.47 15.29
C SER D 71 2.45 -14.82 13.97
N GLN D 72 1.50 -13.98 13.57
CA GLN D 72 0.76 -14.22 12.35
C GLN D 72 0.72 -12.95 11.53
N ASP D 73 0.58 -13.17 10.24
CA ASP D 73 0.12 -12.16 9.31
C ASP D 73 -1.16 -12.74 8.73
N ASN D 74 -2.28 -12.36 9.35
CA ASN D 74 -3.55 -12.99 9.02
C ASN D 74 -3.91 -12.77 7.55
N ALA D 75 -3.63 -11.59 7.02
CA ALA D 75 -3.96 -11.32 5.63
C ALA D 75 -3.20 -12.23 4.68
N LYS D 76 -1.98 -12.61 5.03
CA LYS D 76 -1.19 -13.52 4.20
C LYS D 76 -1.39 -15.00 4.57
N ASN D 77 -2.25 -15.30 5.55
CA ASN D 77 -2.42 -16.68 6.04
C ASN D 77 -1.08 -17.33 6.31
N THR D 78 -0.20 -16.57 6.97
CA THR D 78 1.15 -16.99 7.27
C THR D 78 1.41 -16.82 8.77
N VAL D 79 2.11 -17.79 9.33
CA VAL D 79 2.61 -17.67 10.69
C VAL D 79 4.14 -17.71 10.65
N TYR D 80 4.74 -17.16 11.69
CA TYR D 80 6.17 -16.97 11.77
C TYR D 80 6.63 -17.45 13.12
N LEU D 81 7.80 -18.08 13.17
CA LEU D 81 8.40 -18.52 14.43
C LEU D 81 9.78 -17.90 14.56
N GLN D 82 9.96 -17.00 15.53
CA GLN D 82 11.27 -16.43 15.80
C GLN D 82 11.92 -17.28 16.89
N MET D 83 13.05 -17.88 16.57
CA MET D 83 13.72 -18.81 17.47
C MET D 83 15.01 -18.14 17.93
N ASN D 84 15.04 -17.73 19.19
CA ASN D 84 16.21 -17.09 19.78
C ASN D 84 16.87 -18.01 20.79
N SER D 85 18.13 -17.70 21.10
CA SER D 85 18.88 -18.45 22.11
C SER D 85 18.79 -19.94 21.84
N LEU D 86 19.09 -20.33 20.61
CA LEU D 86 18.94 -21.71 20.19
C LEU D 86 19.93 -22.61 20.93
N LYS D 87 19.45 -23.81 21.27
CA LYS D 87 20.20 -24.83 21.99
C LYS D 87 20.41 -26.05 21.09
N LEU D 88 21.42 -26.86 21.43
CA LEU D 88 21.68 -28.10 20.70
C LEU D 88 20.41 -28.95 20.63
N GLU D 89 19.65 -28.98 21.73
CA GLU D 89 18.44 -29.76 21.87
C GLU D 89 17.33 -29.31 20.92
N ASP D 90 17.47 -28.14 20.28
CA ASP D 90 16.46 -27.64 19.35
C ASP D 90 16.69 -28.16 17.94
N THR D 91 17.77 -28.88 17.69
CA THR D 91 17.99 -29.47 16.38
C THR D 91 16.92 -30.52 16.11
N ALA D 92 16.24 -30.39 14.97
CA ALA D 92 15.16 -31.29 14.59
C ALA D 92 14.65 -30.84 13.22
N ILE D 93 13.80 -31.66 12.64
CA ILE D 93 12.96 -31.23 11.54
C ILE D 93 11.71 -30.61 12.13
N TYR D 94 11.39 -29.40 11.69
CA TYR D 94 10.20 -28.69 12.13
C TYR D 94 9.12 -28.78 11.06
N TYR D 95 7.94 -29.24 11.44
CA TYR D 95 6.85 -29.44 10.50
C TYR D 95 5.77 -28.41 10.77
N CYS D 96 5.44 -27.61 9.76
CA CYS D 96 4.22 -26.82 9.84
C CYS D 96 3.01 -27.74 9.89
N THR D 97 2.01 -27.35 10.69
CA THR D 97 0.84 -28.24 10.80
C THR D 97 -0.38 -27.42 11.22
N LEU D 98 -1.54 -27.86 10.76
CA LEU D 98 -2.77 -27.07 10.88
C LEU D 98 -3.96 -27.93 11.26
N HIS D 99 -4.85 -27.35 12.06
CA HIS D 99 -6.16 -27.91 12.32
C HIS D 99 -7.07 -26.72 12.55
N ARG D 100 -8.33 -26.87 12.15
CA ARG D 100 -9.30 -25.78 12.41
C ARG D 100 -9.35 -25.40 13.88
N PHE D 101 -9.23 -26.36 14.79
CA PHE D 101 -9.45 -26.11 16.20
C PHE D 101 -8.17 -26.35 17.00
N CYS D 102 -7.74 -25.36 17.77
CA CYS D 102 -6.47 -25.51 18.48
C CYS D 102 -6.48 -26.67 19.48
N ASN D 103 -7.58 -26.96 20.16
CA ASN D 103 -7.49 -28.01 21.17
C ASN D 103 -7.25 -29.36 20.50
N THR D 104 -7.65 -29.51 19.25
CA THR D 104 -7.41 -30.76 18.52
C THR D 104 -6.04 -30.73 17.86
N TRP D 105 -5.62 -29.55 17.42
CA TRP D 105 -4.28 -29.34 16.85
C TRP D 105 -3.22 -30.00 17.71
N SER D 106 -3.33 -29.86 19.03
CA SER D 106 -2.34 -30.39 19.95
C SER D 106 -2.12 -31.88 19.83
N LEU D 107 -3.10 -32.64 19.35
CA LEU D 107 -2.97 -34.10 19.25
C LEU D 107 -2.09 -34.54 18.08
N GLY D 108 -1.98 -33.73 17.02
CA GLY D 108 -1.28 -34.06 15.80
C GLY D 108 -2.09 -34.92 14.84
N THR D 109 -2.74 -35.94 15.42
CA THR D 109 -3.34 -37.04 14.68
C THR D 109 -4.21 -36.59 13.50
N LEU D 110 -5.05 -35.56 13.71
CA LEU D 110 -6.02 -35.10 12.71
C LEU D 110 -5.55 -33.89 11.92
N ASN D 111 -4.30 -33.47 12.08
CA ASN D 111 -3.79 -32.29 11.40
C ASN D 111 -3.45 -32.53 9.93
N VAL D 112 -3.43 -31.39 9.19
CA VAL D 112 -2.74 -31.29 7.91
C VAL D 112 -1.26 -31.04 8.20
N TRP D 113 -0.37 -31.66 7.43
CA TRP D 113 1.06 -31.61 7.72
C TRP D 113 1.84 -31.05 6.54
N GLY D 114 2.83 -30.19 6.83
CA GLY D 114 3.82 -29.79 5.86
C GLY D 114 4.95 -30.81 5.74
N GLN D 115 5.87 -30.53 4.83
CA GLN D 115 6.93 -31.47 4.48
C GLN D 115 8.10 -31.46 5.45
N GLY D 116 8.27 -30.39 6.21
CA GLY D 116 9.31 -30.32 7.21
C GLY D 116 10.51 -29.51 6.76
N THR D 117 11.05 -28.72 7.69
CA THR D 117 12.22 -27.88 7.48
C THR D 117 13.29 -28.25 8.51
N GLN D 118 14.52 -28.51 8.04
CA GLN D 118 15.60 -28.83 8.95
C GLN D 118 16.04 -27.59 9.72
N VAL D 119 16.14 -27.74 11.04
CA VAL D 119 16.78 -26.76 11.90
C VAL D 119 17.97 -27.46 12.58
N THR D 120 19.16 -26.89 12.44
CA THR D 120 20.35 -27.47 13.03
C THR D 120 21.06 -26.43 13.88
N VAL D 121 21.35 -26.79 15.13
CA VAL D 121 22.07 -25.93 16.05
C VAL D 121 23.37 -26.64 16.41
N SER D 122 24.49 -25.97 16.18
CA SER D 122 25.82 -26.53 16.36
CA SER D 122 25.82 -26.53 16.36
C SER D 122 26.56 -25.76 17.44
N SER D 123 27.64 -26.37 17.95
CA SER D 123 28.44 -25.76 19.00
C SER D 123 29.50 -24.84 18.39
#